data_7SU9
#
_entry.id   7SU9
#
_cell.length_a   72.716
_cell.length_b   74.177
_cell.length_c   107.389
_cell.angle_alpha   90.00
_cell.angle_beta   101.30
_cell.angle_gamma   90.00
#
_symmetry.space_group_name_H-M   'P 1 21 1'
#
loop_
_entity.id
_entity.type
_entity.pdbx_description
1 polymer 'TCR9a alpha chain'
2 polymer 'TCR9a beta chain'
3 polymer 'MHC class I antigen'
4 polymer Beta-2-microglobulin
5 polymer 'KRAS-G12D-9mer with A18L substitution'
6 non-polymer 'MAGNESIUM ION'
7 non-polymer GLYCEROL
8 non-polymer 'SULFATE ION'
9 water water
#
loop_
_entity_poly.entity_id
_entity_poly.type
_entity_poly.pdbx_seq_one_letter_code
_entity_poly.pdbx_strand_id
1 'polypeptide(L)'
;MAGLAKTTQPISVDSYEGQEVNITCSHNNIATNDYITWYQQFPSQGPRFIIQGYKTKVTNEVASLFIPADRKSSTLSLPR
VSLSDTAVYYCLVGDMDQAGTALIFGKGTTLSVSSDIQNPDPAVYQLRDSKSSDKSVCLFTDFDSQTNVSQSKDSDVYIT
DKCVLDMRSMDFKSNSAVAWSNKSDFACANAFNNSIIPEDTFFPSP
;
D
2 'polypeptide(L)'
;MAGVTQSPTHLIKTRGQQVTLRCSPKSGHDTVSWYQQALGQGPQFIFQYYEEEERQRGNFPDRFSGHQFPNYSSELNVNA
LLLGDSALYLCASSLGEGRVDGYTFGSGTRLTVVEDLRNVFPPEVAVFEPSEAEISHTQKATLVCLATGFYPDHVELSWW
VNGKEVHSGVCTDPQPLKEQPALNDSRYALSSRLRVSATFWQNPRNHFRCQVQFYGLSENDEWTQDRAKPVTQIVSAEAW
GRAD
;
E
3 'polypeptide(L)'
;CSHSMRYFYTAVSRPGRGEPRFIAVGYVDDTQFVQFDSDAASPRGEPRAPWVEQEGPEYWDRETQKYKRQAQTDRVNLRK
LRGYYNQSEAGSHTLQRMYGCDLGPDGRLLRGYNQFAYDGKDYIALNEDLRSWTAADKAAQITQRKWEAAREAEQRRAYL
EGTCVEWLRRYLENGKKTLQRAEHPKTHVTHHPVSDHEATLRCWALGFYPAEITLTWQRDGEDQTQDTELVETRPAGDGT
FQKWAAVVVPSGEEQRYTCHVQHEGLPEPLTLRWGPSSQP
;
A
4 'polypeptide(L)'
;MIQRTPKIQVYSRHPAENGKSNFLNCYVSGFHPSDIEVDLLKNGERIEKVEHSDLSFSKDWSFYLLYYTEFTPTEKDEYA
CRVNHVTLSQPKIVKWDRDM
;
B
5 'polypeptide(L)' GADGVGKSL C
#
loop_
_chem_comp.id
_chem_comp.type
_chem_comp.name
_chem_comp.formula
GOL non-polymer GLYCEROL 'C3 H8 O3'
MG non-polymer 'MAGNESIUM ION' 'Mg 2'
SO4 non-polymer 'SULFATE ION' 'O4 S -2'
#
# COMPACT_ATOMS: atom_id res chain seq x y z
N ALA A 5 2.75 0.40 -32.07
CA ALA A 5 2.69 -0.99 -31.63
C ALA A 5 2.87 -1.13 -30.15
N LYS A 6 3.08 -2.37 -29.71
CA LYS A 6 3.34 -2.68 -28.28
C LYS A 6 3.96 -4.07 -28.18
N THR A 7 4.70 -4.26 -27.12
CA THR A 7 5.51 -5.46 -26.91
C THR A 7 4.92 -6.32 -25.80
N THR A 8 5.11 -7.62 -25.94
CA THR A 8 4.83 -8.60 -24.90
C THR A 8 6.01 -9.56 -24.86
N GLN A 9 6.39 -10.00 -23.67
CA GLN A 9 7.57 -10.84 -23.53
C GLN A 9 7.37 -11.76 -22.33
N PRO A 10 8.18 -12.81 -22.21
CA PRO A 10 8.04 -13.71 -21.04
C PRO A 10 8.23 -12.97 -19.73
N ILE A 11 7.57 -13.49 -18.69
CA ILE A 11 7.76 -12.95 -17.35
C ILE A 11 9.19 -13.16 -16.90
N SER A 12 9.74 -14.33 -17.19
CA SER A 12 11.06 -14.69 -16.63
C SER A 12 11.85 -15.64 -17.52
N VAL A 13 13.16 -15.63 -17.35
CA VAL A 13 14.04 -16.62 -18.05
C VAL A 13 15.06 -17.09 -17.00
N ASP A 14 15.28 -18.40 -16.91
CA ASP A 14 16.28 -18.96 -15.98
C ASP A 14 17.48 -19.42 -16.80
N SER A 15 18.66 -19.38 -16.20
CA SER A 15 19.89 -19.72 -16.95
C SER A 15 21.02 -20.14 -16.03
N TYR A 16 22.04 -20.75 -16.61
CA TYR A 16 23.28 -21.04 -15.91
C TYR A 16 24.43 -20.28 -16.54
N GLU A 17 25.42 -19.94 -15.72
CA GLU A 17 26.62 -19.25 -16.19
C GLU A 17 27.26 -19.99 -17.36
N GLY A 18 27.68 -19.22 -18.36
CA GLY A 18 28.37 -19.75 -19.51
C GLY A 18 27.49 -20.13 -20.68
N GLN A 19 26.17 -20.20 -20.51
CA GLN A 19 25.31 -20.54 -21.64
C GLN A 19 24.93 -19.27 -22.42
N GLU A 20 24.44 -19.50 -23.64
CA GLU A 20 23.75 -18.46 -24.41
C GLU A 20 22.32 -18.33 -23.91
N VAL A 21 21.89 -17.09 -23.67
CA VAL A 21 20.54 -16.79 -23.23
C VAL A 21 19.82 -16.06 -24.36
N ASN A 22 18.59 -16.47 -24.67
CA ASN A 22 17.77 -15.82 -25.69
C ASN A 22 16.45 -15.39 -25.05
N ILE A 23 16.09 -14.12 -25.23
CA ILE A 23 14.82 -13.59 -24.74
C ILE A 23 14.04 -13.13 -25.95
N THR A 24 12.87 -13.72 -26.19
CA THR A 24 12.11 -13.31 -27.36
C THR A 24 11.03 -12.31 -26.94
N CYS A 25 10.53 -11.57 -27.91
CA CYS A 25 9.59 -10.49 -27.68
C CYS A 25 8.61 -10.52 -28.85
N SER A 26 7.33 -10.33 -28.57
CA SER A 26 6.32 -10.32 -29.62
C SER A 26 5.84 -8.88 -29.82
N HIS A 27 5.72 -8.47 -31.10
CA HIS A 27 5.19 -7.15 -31.43
C HIS A 27 4.56 -7.22 -32.82
N ASN A 28 3.36 -7.80 -32.88
CA ASN A 28 2.70 -8.06 -34.16
C ASN A 28 2.27 -6.79 -34.87
N ASN A 29 2.00 -5.71 -34.14
CA ASN A 29 1.40 -4.51 -34.71
C ASN A 29 2.44 -3.45 -35.04
N ILE A 30 3.71 -3.85 -35.17
CA ILE A 30 4.77 -2.90 -35.48
C ILE A 30 4.52 -2.25 -36.84
N ALA A 31 4.89 -0.97 -36.95
CA ALA A 31 4.68 -0.19 -38.17
C ALA A 31 6.01 0.16 -38.81
N THR A 32 5.92 0.67 -40.05
CA THR A 32 7.11 1.00 -40.82
C THR A 32 7.94 2.09 -40.14
N ASN A 33 7.31 3.00 -39.40
CA ASN A 33 8.04 4.05 -38.68
C ASN A 33 8.27 3.69 -37.21
N ASP A 34 8.45 2.41 -36.92
CA ASP A 34 8.78 1.92 -35.59
C ASP A 34 10.15 1.24 -35.61
N TYR A 35 10.93 1.46 -34.54
CA TYR A 35 12.19 0.75 -34.39
C TYR A 35 12.11 -0.12 -33.13
N ILE A 36 13.07 -1.02 -32.99
CA ILE A 36 13.10 -1.99 -31.88
C ILE A 36 14.29 -1.67 -30.98
N THR A 37 14.07 -1.63 -29.67
CA THR A 37 15.19 -1.32 -28.79
C THR A 37 15.04 -2.06 -27.46
N TRP A 38 16.18 -2.45 -26.89
CA TRP A 38 16.20 -3.25 -25.66
C TRP A 38 17.02 -2.53 -24.60
N TYR A 39 16.52 -2.58 -23.35
CA TYR A 39 17.14 -1.96 -22.19
C TYR A 39 17.23 -3.00 -21.08
N GLN A 40 18.26 -2.89 -20.24
CA GLN A 40 18.36 -3.77 -19.07
C GLN A 40 18.36 -2.91 -17.81
N GLN A 41 17.69 -3.38 -16.77
CA GLN A 41 17.66 -2.65 -15.51
C GLN A 41 18.24 -3.54 -14.41
N PHE A 42 19.41 -3.15 -13.92
CA PHE A 42 20.07 -3.80 -12.80
C PHE A 42 19.47 -3.34 -11.48
N PRO A 43 19.62 -4.13 -10.42
CA PRO A 43 19.17 -3.68 -9.10
C PRO A 43 19.73 -2.31 -8.76
N SER A 44 18.85 -1.44 -8.25
CA SER A 44 19.20 -0.12 -7.75
C SER A 44 19.69 0.82 -8.85
N GLN A 45 19.25 0.62 -10.08
CA GLN A 45 19.69 1.44 -11.20
C GLN A 45 18.50 1.77 -12.08
N GLY A 46 18.69 2.76 -12.95
CA GLY A 46 17.75 3.03 -14.01
C GLY A 46 18.02 2.11 -15.20
N PRO A 47 17.03 1.99 -16.10
CA PRO A 47 17.25 1.19 -17.32
C PRO A 47 18.45 1.69 -18.09
N ARG A 48 19.12 0.77 -18.76
CA ARG A 48 20.33 1.07 -19.51
C ARG A 48 20.20 0.48 -20.91
N PHE A 49 20.56 1.29 -21.92
CA PHE A 49 20.47 0.84 -23.30
C PHE A 49 21.37 -0.36 -23.55
N ILE A 50 20.85 -1.37 -24.26
CA ILE A 50 21.63 -2.51 -24.72
C ILE A 50 21.91 -2.42 -26.22
N ILE A 51 20.85 -2.39 -27.03
CA ILE A 51 20.97 -2.61 -28.46
C ILE A 51 19.69 -2.16 -29.12
N GLN A 52 19.77 -1.75 -30.38
CA GLN A 52 18.59 -1.37 -31.13
C GLN A 52 18.74 -1.83 -32.57
N GLY A 53 17.61 -1.88 -33.29
CA GLY A 53 17.65 -2.26 -34.68
C GLY A 53 16.39 -1.87 -35.40
N TYR A 54 16.38 -2.15 -36.69
CA TYR A 54 15.18 -1.93 -37.50
C TYR A 54 14.75 -3.23 -38.18
N LYS A 55 15.57 -3.76 -39.09
CA LYS A 55 15.20 -5.02 -39.75
C LYS A 55 16.33 -6.04 -39.86
N THR A 56 17.59 -5.64 -39.73
CA THR A 56 18.71 -6.54 -39.93
C THR A 56 19.25 -6.98 -38.58
N LYS A 57 19.83 -8.18 -38.54
CA LYS A 57 20.50 -8.64 -37.33
C LYS A 57 21.54 -7.61 -36.90
N VAL A 58 21.60 -7.34 -35.60
CA VAL A 58 22.58 -6.41 -35.04
C VAL A 58 23.41 -7.13 -34.00
N THR A 59 24.72 -6.87 -34.01
CA THR A 59 25.61 -7.42 -32.99
C THR A 59 26.47 -6.30 -32.45
N ASN A 60 26.57 -6.19 -31.13
CA ASN A 60 27.54 -5.31 -30.51
C ASN A 60 28.26 -6.13 -29.43
N GLU A 61 28.99 -5.44 -28.56
CA GLU A 61 29.80 -6.10 -27.54
C GLU A 61 28.97 -6.71 -26.42
N VAL A 62 27.71 -6.31 -26.27
CA VAL A 62 26.89 -6.76 -25.16
C VAL A 62 25.94 -7.87 -25.61
N ALA A 63 25.46 -7.81 -26.86
CA ALA A 63 24.38 -8.71 -27.27
C ALA A 63 24.25 -8.73 -28.78
N SER A 64 23.41 -9.65 -29.25
CA SER A 64 22.91 -9.65 -30.60
C SER A 64 21.40 -9.49 -30.56
N LEU A 65 20.85 -8.92 -31.64
CA LEU A 65 19.42 -8.70 -31.79
C LEU A 65 19.02 -9.34 -33.11
N PHE A 66 18.10 -10.30 -33.07
CA PHE A 66 17.59 -10.98 -34.26
C PHE A 66 16.20 -10.43 -34.57
N ILE A 67 15.97 -10.08 -35.83
CA ILE A 67 14.68 -9.54 -36.27
C ILE A 67 14.25 -10.28 -37.53
N PRO A 68 13.21 -11.10 -37.46
CA PRO A 68 12.75 -11.80 -38.68
C PRO A 68 12.17 -10.82 -39.69
N ALA A 69 11.97 -11.32 -40.91
CA ALA A 69 11.64 -10.46 -42.04
C ALA A 69 10.32 -9.72 -41.85
N ASP A 70 9.34 -10.34 -41.21
CA ASP A 70 8.08 -9.63 -40.98
C ASP A 70 8.14 -8.65 -39.80
N ARG A 71 9.26 -8.63 -39.04
CA ARG A 71 9.47 -7.71 -37.92
C ARG A 71 8.42 -7.88 -36.82
N LYS A 72 7.68 -8.97 -36.79
CA LYS A 72 6.60 -9.09 -35.81
C LYS A 72 7.10 -9.66 -34.49
N SER A 73 8.38 -9.98 -34.40
CA SER A 73 9.00 -10.41 -33.15
C SER A 73 10.47 -10.04 -33.20
N SER A 74 11.16 -10.23 -32.08
CA SER A 74 12.59 -10.02 -32.06
C SER A 74 13.17 -10.83 -30.91
N THR A 75 14.47 -11.12 -30.99
CA THR A 75 15.11 -11.96 -29.99
C THR A 75 16.41 -11.32 -29.56
N LEU A 76 16.53 -11.05 -28.28
CA LEU A 76 17.78 -10.60 -27.69
C LEU A 76 18.59 -11.82 -27.30
N SER A 77 19.84 -11.88 -27.78
CA SER A 77 20.71 -13.02 -27.51
C SER A 77 21.94 -12.52 -26.75
N LEU A 78 22.15 -13.08 -25.53
CA LEU A 78 23.30 -12.77 -24.67
C LEU A 78 24.27 -13.92 -24.73
N PRO A 79 25.53 -13.71 -25.13
CA PRO A 79 26.34 -14.80 -25.69
C PRO A 79 26.87 -15.86 -24.72
N ARG A 80 27.31 -15.47 -23.50
CA ARG A 80 27.89 -16.43 -22.51
C ARG A 80 27.70 -15.79 -21.14
N VAL A 81 26.49 -15.96 -20.58
CA VAL A 81 26.07 -15.07 -19.49
C VAL A 81 26.88 -15.35 -18.24
N SER A 82 26.98 -14.32 -17.40
CA SER A 82 27.57 -14.45 -16.08
C SER A 82 26.58 -13.98 -15.03
N LEU A 83 26.90 -14.24 -13.76
CA LEU A 83 26.09 -13.76 -12.64
C LEU A 83 25.75 -12.29 -12.76
N SER A 84 26.69 -11.47 -13.22
CA SER A 84 26.44 -10.04 -13.30
C SER A 84 25.45 -9.67 -14.41
N ASP A 85 24.92 -10.61 -15.19
CA ASP A 85 23.90 -10.27 -16.17
C ASP A 85 22.49 -10.39 -15.60
N THR A 86 22.38 -10.80 -14.34
CA THR A 86 21.09 -10.84 -13.64
C THR A 86 20.48 -9.45 -13.62
N ALA A 87 19.31 -9.32 -14.24
CA ALA A 87 18.70 -8.02 -14.46
C ALA A 87 17.31 -8.25 -15.04
N VAL A 88 16.55 -7.18 -15.17
CA VAL A 88 15.29 -7.20 -15.89
C VAL A 88 15.55 -6.62 -17.28
N TYR A 89 15.09 -7.32 -18.32
CA TYR A 89 15.32 -6.94 -19.71
C TYR A 89 14.01 -6.47 -20.31
N TYR A 90 14.03 -5.29 -20.92
CA TYR A 90 12.83 -4.69 -21.51
C TYR A 90 12.99 -4.61 -23.01
N CYS A 91 12.00 -5.10 -23.73
CA CYS A 91 11.91 -4.93 -25.17
C CYS A 91 10.91 -3.81 -25.45
N LEU A 92 11.33 -2.83 -26.23
CA LEU A 92 10.52 -1.66 -26.53
C LEU A 92 10.42 -1.49 -28.05
N VAL A 93 9.26 -1.07 -28.50
CA VAL A 93 9.07 -0.61 -29.87
C VAL A 93 8.89 0.90 -29.78
N GLY A 94 9.75 1.64 -30.48
CA GLY A 94 9.81 3.08 -30.36
C GLY A 94 9.37 3.74 -31.65
N ASP A 95 8.76 4.92 -31.52
CA ASP A 95 8.39 5.74 -32.67
C ASP A 95 9.64 6.35 -33.27
N MET A 96 9.92 6.08 -34.55
CA MET A 96 11.10 6.74 -35.11
C MET A 96 10.88 8.22 -35.42
N ASP A 97 9.64 8.69 -35.46
CA ASP A 97 9.39 10.05 -35.94
C ASP A 97 9.76 11.05 -34.85
N GLN A 98 10.52 12.07 -35.22
CA GLN A 98 10.85 13.11 -34.25
C GLN A 98 9.59 13.76 -33.70
N ALA A 99 9.57 13.95 -32.38
CA ALA A 99 8.45 14.48 -31.60
C ALA A 99 7.23 13.56 -31.63
N GLY A 100 7.42 12.29 -32.00
CA GLY A 100 6.37 11.29 -31.90
C GLY A 100 6.25 10.80 -30.46
N THR A 101 5.68 9.62 -30.29
CA THR A 101 5.45 9.11 -28.93
C THR A 101 6.75 8.85 -28.20
N ALA A 102 6.81 9.27 -26.93
CA ALA A 102 7.93 8.95 -26.04
C ALA A 102 8.12 7.43 -25.92
N LEU A 103 9.27 7.02 -25.38
CA LEU A 103 9.53 5.60 -25.17
C LEU A 103 8.58 5.03 -24.13
N ILE A 104 7.79 4.04 -24.52
CA ILE A 104 6.82 3.39 -23.64
C ILE A 104 7.32 1.99 -23.31
N PHE A 105 7.44 1.69 -22.02
CA PHE A 105 7.86 0.39 -21.53
C PHE A 105 6.67 -0.55 -21.36
N GLY A 106 6.87 -1.81 -21.71
CA GLY A 106 5.97 -2.87 -21.30
C GLY A 106 6.41 -3.47 -19.99
N LYS A 107 5.98 -4.71 -19.73
CA LYS A 107 6.57 -5.47 -18.64
C LYS A 107 7.86 -6.11 -19.13
N GLY A 108 8.82 -6.25 -18.22
CA GLY A 108 10.12 -6.80 -18.57
C GLY A 108 10.19 -8.30 -18.32
N THR A 109 11.34 -8.87 -18.67
CA THR A 109 11.66 -10.27 -18.41
C THR A 109 12.75 -10.32 -17.36
N THR A 110 12.46 -10.98 -16.23
CA THR A 110 13.45 -11.14 -15.17
C THR A 110 14.37 -12.30 -15.52
N LEU A 111 15.67 -12.04 -15.64
CA LEU A 111 16.64 -13.08 -15.97
C LEU A 111 17.40 -13.47 -14.71
N SER A 112 17.35 -14.76 -14.36
CA SER A 112 18.15 -15.36 -13.29
C SER A 112 19.30 -16.14 -13.90
N VAL A 113 20.43 -16.14 -13.20
CA VAL A 113 21.65 -16.85 -13.60
C VAL A 113 22.14 -17.66 -12.41
N SER A 114 22.22 -18.98 -12.56
CA SER A 114 22.75 -19.86 -11.52
C SER A 114 24.16 -20.31 -11.86
N SER A 115 24.89 -20.77 -10.84
CA SER A 115 26.20 -21.35 -11.05
C SER A 115 26.10 -22.85 -10.82
N ASP A 116 26.82 -23.63 -11.63
CA ASP A 116 26.83 -25.07 -11.50
C ASP A 116 27.93 -25.39 -10.50
N ILE A 117 27.53 -25.60 -9.24
CA ILE A 117 28.50 -25.75 -8.16
C ILE A 117 29.30 -27.02 -8.37
N GLN A 118 30.62 -26.90 -8.33
CA GLN A 118 31.49 -28.07 -8.33
C GLN A 118 31.78 -28.49 -6.90
N ASN A 119 31.77 -29.80 -6.66
CA ASN A 119 31.89 -30.36 -5.33
C ASN A 119 30.97 -29.70 -4.30
N PRO A 120 29.65 -29.69 -4.55
CA PRO A 120 28.73 -29.25 -3.50
C PRO A 120 28.93 -30.08 -2.24
N ASP A 121 28.72 -29.45 -1.10
CA ASP A 121 28.95 -30.09 0.19
C ASP A 121 27.93 -29.47 1.15
N PRO A 122 26.62 -29.69 0.93
CA PRO A 122 25.61 -28.92 1.66
C PRO A 122 25.70 -29.16 3.16
N ALA A 123 25.58 -28.08 3.93
CA ALA A 123 25.62 -28.21 5.39
C ALA A 123 24.98 -26.99 6.03
N VAL A 124 24.53 -27.16 7.28
CA VAL A 124 23.99 -26.07 8.07
C VAL A 124 24.93 -25.79 9.24
N TYR A 125 25.33 -24.54 9.40
CA TYR A 125 26.24 -24.14 10.47
C TYR A 125 25.54 -23.14 11.38
N GLN A 126 25.89 -23.18 12.66
CA GLN A 126 25.40 -22.19 13.61
C GLN A 126 26.50 -21.16 13.84
N LEU A 127 26.13 -19.89 13.78
CA LEU A 127 27.03 -18.76 13.97
C LEU A 127 26.65 -18.03 15.25
N ARG A 128 27.62 -17.37 15.90
CA ARG A 128 27.29 -16.63 17.11
C ARG A 128 27.55 -15.14 16.92
N ASP A 129 26.72 -14.33 17.57
CA ASP A 129 26.86 -12.87 17.51
C ASP A 129 28.23 -12.43 17.98
N SER A 130 28.75 -11.37 17.32
CA SER A 130 30.02 -10.81 17.72
C SER A 130 29.91 -10.10 19.07
N LYS A 131 28.74 -9.56 19.36
CA LYS A 131 28.47 -8.92 20.68
C LYS A 131 27.37 -9.74 21.37
N LYS A 135 22.41 -14.23 20.64
CA LYS A 135 21.84 -14.01 19.30
C LYS A 135 22.23 -15.19 18.41
N SER A 136 21.26 -15.77 17.70
CA SER A 136 21.58 -17.02 16.95
C SER A 136 21.19 -16.96 15.47
N VAL A 137 22.15 -17.23 14.59
CA VAL A 137 21.86 -17.30 13.14
C VAL A 137 22.31 -18.65 12.59
N CYS A 138 21.49 -19.28 11.76
CA CYS A 138 21.88 -20.51 11.05
C CYS A 138 22.22 -20.22 9.59
N LEU A 139 23.25 -20.89 9.08
CA LEU A 139 23.72 -20.68 7.72
C LEU A 139 23.68 -22.01 6.98
N PHE A 140 22.83 -22.09 5.96
CA PHE A 140 22.79 -23.22 5.03
C PHE A 140 23.66 -22.87 3.84
N THR A 141 24.74 -23.62 3.63
CA THR A 141 25.70 -23.21 2.62
C THR A 141 26.23 -24.40 1.81
N ASP A 142 26.85 -24.08 0.68
CA ASP A 142 27.56 -25.03 -0.18
C ASP A 142 26.62 -26.04 -0.83
N PHE A 143 25.33 -25.74 -0.92
CA PHE A 143 24.39 -26.64 -1.58
C PHE A 143 24.36 -26.36 -3.09
N ASP A 144 23.75 -27.29 -3.84
CA ASP A 144 23.74 -27.15 -5.28
C ASP A 144 22.65 -26.18 -5.71
N SER A 145 22.82 -25.62 -6.91
CA SER A 145 21.91 -24.54 -7.30
C SER A 145 20.50 -25.03 -7.59
N GLN A 146 20.28 -26.32 -7.75
CA GLN A 146 18.92 -26.85 -7.90
C GLN A 146 18.14 -26.87 -6.59
N THR A 147 18.82 -26.70 -5.45
CA THR A 147 18.15 -26.70 -4.15
C THR A 147 17.17 -25.54 -4.01
N ASN A 148 15.97 -25.83 -3.53
CA ASN A 148 15.01 -24.79 -3.24
C ASN A 148 14.89 -24.61 -1.73
N VAL A 149 14.97 -23.35 -1.30
CA VAL A 149 14.95 -22.99 0.11
C VAL A 149 13.53 -22.53 0.42
N SER A 150 12.83 -23.27 1.27
CA SER A 150 11.45 -22.96 1.58
C SER A 150 11.35 -21.81 2.57
N GLN A 151 10.35 -20.96 2.37
CA GLN A 151 10.10 -19.89 3.33
C GLN A 151 9.63 -20.49 4.65
N SER A 152 9.79 -19.71 5.70
CA SER A 152 9.42 -20.16 7.03
C SER A 152 7.92 -20.35 7.12
N LYS A 153 7.50 -21.50 7.64
CA LYS A 153 6.10 -21.73 7.93
C LYS A 153 5.68 -21.11 9.26
N ASP A 154 6.62 -20.91 10.18
CA ASP A 154 6.34 -20.31 11.47
C ASP A 154 6.57 -18.80 11.39
N SER A 155 5.71 -18.05 12.06
CA SER A 155 5.86 -16.59 12.09
C SER A 155 7.08 -16.15 12.87
N ASP A 156 7.65 -17.04 13.68
CA ASP A 156 8.76 -16.70 14.56
C ASP A 156 10.13 -16.97 13.94
N VAL A 157 10.17 -17.61 12.77
CA VAL A 157 11.41 -18.00 12.12
C VAL A 157 11.52 -17.25 10.80
N TYR A 158 12.71 -16.77 10.50
CA TYR A 158 12.98 -16.00 9.29
C TYR A 158 13.99 -16.74 8.44
N ILE A 159 13.66 -16.97 7.19
CA ILE A 159 14.53 -17.69 6.27
C ILE A 159 14.66 -16.88 4.99
N THR A 160 15.90 -16.55 4.62
CA THR A 160 16.12 -15.74 3.43
C THR A 160 16.15 -16.63 2.18
N ASP A 161 16.13 -15.98 1.03
CA ASP A 161 16.26 -16.74 -0.19
C ASP A 161 17.75 -17.03 -0.42
N LYS A 162 18.04 -17.89 -1.39
CA LYS A 162 19.44 -18.20 -1.65
C LYS A 162 20.12 -17.06 -2.42
N CYS A 163 21.44 -16.96 -2.22
CA CYS A 163 22.29 -15.90 -2.83
C CYS A 163 23.63 -16.60 -3.11
N VAL A 164 24.28 -16.30 -4.23
CA VAL A 164 25.55 -16.92 -4.62
C VAL A 164 26.68 -15.90 -4.44
N LEU A 165 27.76 -16.33 -3.79
CA LEU A 165 28.93 -15.49 -3.68
C LEU A 165 30.11 -16.09 -4.45
N ASP A 166 31.02 -15.22 -4.88
CA ASP A 166 32.15 -15.59 -5.74
C ASP A 166 33.42 -15.16 -5.03
N MET A 167 34.19 -16.13 -4.53
CA MET A 167 35.50 -15.84 -3.93
C MET A 167 36.50 -15.85 -5.09
N ARG A 168 36.71 -14.68 -5.70
CA ARG A 168 37.36 -14.61 -7.01
C ARG A 168 38.78 -15.18 -6.98
N SER A 169 39.59 -14.75 -6.01
CA SER A 169 40.98 -15.17 -5.95
C SER A 169 41.14 -16.67 -5.75
N MET A 170 40.10 -17.34 -5.26
CA MET A 170 40.10 -18.79 -5.06
C MET A 170 39.37 -19.56 -6.15
N ASP A 171 38.82 -18.89 -7.16
CA ASP A 171 38.05 -19.56 -8.21
C ASP A 171 36.95 -20.43 -7.59
N PHE A 172 36.19 -19.85 -6.67
CA PHE A 172 35.26 -20.62 -5.86
C PHE A 172 33.96 -19.87 -5.72
N LYS A 173 32.85 -20.56 -5.98
CA LYS A 173 31.52 -19.99 -5.85
C LYS A 173 30.70 -20.86 -4.91
N SER A 174 29.79 -20.24 -4.16
CA SER A 174 28.97 -21.03 -3.26
C SER A 174 27.63 -20.34 -3.02
N ASN A 175 26.59 -21.16 -2.85
CA ASN A 175 25.25 -20.69 -2.54
C ASN A 175 25.09 -20.68 -1.02
N SER A 176 24.20 -19.81 -0.51
CA SER A 176 23.88 -19.89 0.92
C SER A 176 22.52 -19.25 1.18
N ALA A 177 21.96 -19.60 2.34
CA ALA A 177 20.76 -18.97 2.85
C ALA A 177 20.87 -18.89 4.36
N VAL A 178 20.13 -17.96 4.96
CA VAL A 178 20.27 -17.67 6.38
C VAL A 178 18.91 -17.85 7.04
N ALA A 179 18.90 -18.40 8.26
CA ALA A 179 17.71 -18.55 9.07
C ALA A 179 17.99 -18.00 10.46
N TRP A 180 16.99 -17.36 11.08
CA TRP A 180 17.19 -16.93 12.46
C TRP A 180 15.84 -16.83 13.16
N SER A 181 15.91 -16.71 14.49
CA SER A 181 14.73 -16.64 15.34
C SER A 181 15.15 -16.13 16.72
N ASN A 182 14.20 -15.55 17.45
CA ASN A 182 14.49 -15.09 18.83
C ASN A 182 14.06 -16.19 19.81
N LYS A 183 13.28 -17.16 19.33
CA LYS A 183 12.75 -18.22 20.21
C LYS A 183 13.90 -19.00 20.85
N SER A 184 13.69 -19.53 22.06
CA SER A 184 14.77 -20.25 22.80
C SER A 184 14.78 -21.72 22.39
N ASP A 185 13.71 -22.18 21.73
CA ASP A 185 13.63 -23.59 21.29
C ASP A 185 14.19 -23.74 19.87
N PHE A 186 14.61 -22.66 19.22
CA PHE A 186 15.04 -22.71 17.82
C PHE A 186 16.33 -23.51 17.64
N ALA A 187 16.27 -24.53 16.79
CA ALA A 187 17.40 -25.39 16.50
C ALA A 187 17.80 -25.24 15.03
N CYS A 188 19.10 -25.04 14.78
CA CYS A 188 19.58 -24.95 13.40
C CYS A 188 19.39 -26.28 12.67
N ALA A 189 19.54 -27.40 13.38
CA ALA A 189 19.53 -28.72 12.76
C ALA A 189 18.35 -28.91 11.82
N ASN A 190 17.18 -28.41 12.19
CA ASN A 190 15.96 -28.61 11.41
C ASN A 190 15.38 -27.31 10.87
N ALA A 191 16.11 -26.20 10.99
CA ALA A 191 15.58 -24.90 10.56
C ALA A 191 15.24 -24.90 9.08
N PHE A 192 16.09 -25.49 8.24
CA PHE A 192 15.89 -25.50 6.81
C PHE A 192 15.20 -26.76 6.32
N ASN A 193 14.69 -27.59 7.21
CA ASN A 193 14.07 -28.85 6.82
C ASN A 193 12.66 -28.62 6.27
N GLY B 3 26.29 11.75 -16.99
CA GLY B 3 24.97 11.16 -17.15
C GLY B 3 23.86 12.05 -16.63
N VAL B 4 22.69 11.47 -16.42
CA VAL B 4 21.57 12.20 -15.85
C VAL B 4 21.75 12.31 -14.34
N THR B 5 21.47 13.49 -13.78
CA THR B 5 21.53 13.68 -12.33
C THR B 5 20.11 13.83 -11.78
N GLN B 6 19.73 12.96 -10.86
CA GLN B 6 18.44 13.04 -10.17
C GLN B 6 18.70 13.27 -8.68
N SER B 7 17.85 14.07 -8.04
CA SER B 7 18.01 14.56 -6.69
C SER B 7 16.63 14.61 -6.03
N PRO B 8 16.48 14.13 -4.78
CA PRO B 8 17.42 13.36 -3.95
C PRO B 8 17.43 11.91 -4.37
N THR B 9 18.33 11.09 -3.84
CA THR B 9 18.25 9.67 -4.16
C THR B 9 17.09 8.99 -3.44
N HIS B 10 16.77 9.45 -2.23
CA HIS B 10 15.69 8.87 -1.44
C HIS B 10 14.93 9.98 -0.73
N LEU B 11 13.66 9.71 -0.42
CA LEU B 11 12.85 10.73 0.23
C LEU B 11 11.63 10.05 0.86
N ILE B 12 11.23 10.56 2.03
CA ILE B 12 10.03 10.09 2.72
C ILE B 12 9.11 11.26 2.93
N LYS B 13 7.82 11.05 2.65
CA LYS B 13 6.79 12.05 2.88
C LYS B 13 5.61 11.35 3.53
N THR B 14 4.80 12.11 4.24
CA THR B 14 3.55 11.56 4.75
C THR B 14 2.40 11.91 3.82
N ARG B 15 1.35 11.11 3.95
CA ARG B 15 0.14 11.28 3.11
C ARG B 15 -0.34 12.72 3.18
N GLY B 16 -0.70 13.27 2.03
CA GLY B 16 -1.18 14.63 1.94
C GLY B 16 -0.12 15.68 1.69
N GLN B 17 1.15 15.36 1.92
CA GLN B 17 2.19 16.33 1.66
C GLN B 17 2.39 16.51 0.15
N GLN B 18 3.24 17.46 -0.22
CA GLN B 18 3.65 17.65 -1.60
C GLN B 18 5.15 17.44 -1.70
N VAL B 19 5.63 17.27 -2.94
CA VAL B 19 7.04 16.97 -3.16
C VAL B 19 7.50 17.57 -4.48
N THR B 20 8.79 17.93 -4.54
CA THR B 20 9.44 18.38 -5.76
C THR B 20 10.66 17.51 -5.99
N LEU B 21 10.66 16.79 -7.11
CA LEU B 21 11.81 16.01 -7.55
C LEU B 21 12.51 16.71 -8.70
N ARG B 22 13.83 16.55 -8.77
CA ARG B 22 14.62 17.32 -9.73
C ARG B 22 15.47 16.38 -10.58
N CYS B 23 15.71 16.82 -11.83
CA CYS B 23 16.49 16.02 -12.75
C CYS B 23 17.28 16.97 -13.65
N SER B 24 18.60 16.71 -13.79
CA SER B 24 19.35 17.40 -14.85
C SER B 24 19.69 16.43 -15.97
N PRO B 25 19.40 16.76 -17.23
CA PRO B 25 19.65 15.81 -18.31
C PRO B 25 21.14 15.61 -18.54
N LYS B 26 21.45 14.51 -19.22
CA LYS B 26 22.82 14.29 -19.65
C LYS B 26 23.30 15.44 -20.54
N SER B 27 24.57 15.83 -20.39
CA SER B 27 25.14 16.90 -21.21
C SER B 27 24.95 16.60 -22.69
N GLY B 28 24.46 17.59 -23.43
CA GLY B 28 24.10 17.41 -24.83
C GLY B 28 22.66 17.02 -25.07
N HIS B 29 21.90 16.72 -24.01
CA HIS B 29 20.47 16.41 -24.10
C HIS B 29 19.65 17.62 -23.64
N ASP B 30 18.47 17.79 -24.24
CA ASP B 30 17.63 18.92 -23.90
C ASP B 30 16.17 18.53 -23.69
N THR B 31 15.86 17.24 -23.75
CA THR B 31 14.51 16.74 -23.58
C THR B 31 14.48 15.88 -22.32
N VAL B 32 13.42 16.00 -21.52
CA VAL B 32 13.33 15.25 -20.26
C VAL B 32 11.98 14.54 -20.20
N SER B 33 12.02 13.24 -19.93
CA SER B 33 10.84 12.39 -19.78
C SER B 33 10.83 11.79 -18.37
N TRP B 34 9.69 11.90 -17.68
CA TRP B 34 9.54 11.36 -16.34
C TRP B 34 8.71 10.09 -16.35
N TYR B 35 9.05 9.15 -15.47
CA TYR B 35 8.41 7.85 -15.35
C TYR B 35 8.21 7.52 -13.87
N GLN B 36 7.16 6.76 -13.59
CA GLN B 36 6.92 6.21 -12.27
C GLN B 36 7.04 4.69 -12.33
N GLN B 37 7.87 4.10 -11.45
CA GLN B 37 8.11 2.66 -11.47
C GLN B 37 7.80 2.12 -10.08
N ALA B 38 6.63 1.51 -9.94
CA ALA B 38 6.25 0.88 -8.69
C ALA B 38 6.88 -0.50 -8.58
N LEU B 39 6.92 -1.02 -7.36
CA LEU B 39 7.58 -2.30 -7.10
C LEU B 39 7.04 -3.38 -8.01
N GLY B 40 7.95 -4.11 -8.64
CA GLY B 40 7.61 -5.21 -9.53
C GLY B 40 7.01 -4.83 -10.86
N GLN B 41 7.00 -3.56 -11.23
CA GLN B 41 6.38 -3.12 -12.48
C GLN B 41 7.41 -2.45 -13.37
N GLY B 42 7.02 -2.20 -14.62
CA GLY B 42 7.84 -1.43 -15.54
C GLY B 42 7.62 0.06 -15.35
N PRO B 43 8.55 0.88 -15.83
CA PRO B 43 8.37 2.34 -15.74
C PRO B 43 7.12 2.76 -16.50
N GLN B 44 6.32 3.63 -15.87
CA GLN B 44 5.10 4.17 -16.47
C GLN B 44 5.31 5.63 -16.81
N PHE B 45 5.06 5.98 -18.07
CA PHE B 45 5.31 7.31 -18.57
C PHE B 45 4.39 8.36 -17.95
N ILE B 46 4.99 9.43 -17.43
CA ILE B 46 4.24 10.55 -16.87
C ILE B 46 4.11 11.67 -17.89
N PHE B 47 5.24 12.27 -18.25
CA PHE B 47 5.23 13.34 -19.27
C PHE B 47 6.63 13.61 -19.81
N GLN B 48 6.67 14.37 -20.91
CA GLN B 48 7.92 14.73 -21.55
C GLN B 48 7.94 16.24 -21.80
N TYR B 49 9.06 16.88 -21.47
CA TYR B 49 9.24 18.31 -21.61
C TYR B 49 10.33 18.62 -22.64
N TYR B 50 10.08 19.63 -23.47
CA TYR B 50 11.07 20.16 -24.39
C TYR B 50 10.81 21.64 -24.57
N GLU B 51 11.88 22.44 -24.64
CA GLU B 51 11.77 23.90 -24.75
C GLU B 51 10.78 24.47 -23.74
N GLU B 52 10.90 24.04 -22.49
CA GLU B 52 10.17 24.60 -21.35
C GLU B 52 8.68 24.30 -21.36
N GLU B 53 8.23 23.34 -22.17
CA GLU B 53 6.81 23.07 -22.27
C GLU B 53 6.55 21.58 -22.22
N GLU B 54 5.44 21.22 -21.57
CA GLU B 54 4.98 19.84 -21.58
C GLU B 54 4.48 19.48 -22.97
N ARG B 55 5.10 18.47 -23.58
CA ARG B 55 4.81 18.11 -24.96
C ARG B 55 3.92 16.88 -25.09
N GLN B 56 3.94 16.00 -24.10
CA GLN B 56 2.98 14.90 -24.08
C GLN B 56 2.92 14.37 -22.67
N ARG B 57 1.80 13.70 -22.36
CA ARG B 57 1.48 13.29 -21.01
C ARG B 57 0.88 11.91 -21.04
N GLY B 58 1.24 11.08 -20.07
CA GLY B 58 0.67 9.76 -19.91
C GLY B 58 -0.56 9.76 -19.03
N ASN B 59 -0.78 8.63 -18.34
CA ASN B 59 -2.03 8.40 -17.61
C ASN B 59 -1.86 8.84 -16.16
N PHE B 60 -1.72 10.16 -15.98
CA PHE B 60 -1.47 10.70 -14.65
C PHE B 60 -2.27 11.98 -14.44
N PRO B 61 -2.90 12.13 -13.25
CA PRO B 61 -3.72 13.30 -12.95
C PRO B 61 -2.92 14.61 -12.81
N ASP B 62 -3.61 15.74 -12.74
CA ASP B 62 -2.95 17.08 -12.72
C ASP B 62 -2.18 17.33 -11.42
N ARG B 63 -2.46 16.57 -10.36
CA ARG B 63 -1.64 16.73 -9.13
C ARG B 63 -0.19 16.45 -9.51
N PHE B 64 0.01 15.75 -10.63
CA PHE B 64 1.38 15.54 -11.17
C PHE B 64 1.66 16.66 -12.18
N SER B 65 2.52 17.58 -11.83
CA SER B 65 2.84 18.68 -12.72
C SER B 65 4.34 18.75 -12.89
N GLY B 66 4.76 19.43 -13.98
CA GLY B 66 6.16 19.47 -14.33
C GLY B 66 6.60 20.88 -14.66
N HIS B 67 7.90 21.03 -14.80
CA HIS B 67 8.52 22.30 -15.14
C HIS B 67 9.85 21.99 -15.81
N GLN B 68 10.21 22.74 -16.83
CA GLN B 68 11.54 22.64 -17.40
C GLN B 68 12.11 24.05 -17.50
N PHE B 69 13.34 24.22 -17.03
CA PHE B 69 14.02 25.52 -17.05
C PHE B 69 14.71 25.77 -18.39
N PRO B 70 15.12 27.03 -18.65
CA PRO B 70 15.93 27.30 -19.85
C PRO B 70 17.18 26.44 -19.96
N ASN B 71 17.80 26.01 -18.86
CA ASN B 71 19.03 25.24 -18.97
C ASN B 71 18.78 23.74 -19.16
N TYR B 72 17.51 23.36 -19.37
CA TYR B 72 16.99 22.02 -19.70
C TYR B 72 16.79 21.13 -18.48
N SER B 73 17.00 21.64 -17.27
CA SER B 73 16.77 20.84 -16.07
C SER B 73 15.27 20.95 -15.78
N SER B 74 14.78 20.03 -14.97
CA SER B 74 13.36 19.78 -14.89
C SER B 74 12.95 19.49 -13.45
N GLU B 75 11.68 19.76 -13.16
CA GLU B 75 11.07 19.42 -11.88
C GLU B 75 9.87 18.51 -12.11
N LEU B 76 9.69 17.53 -11.23
CA LEU B 76 8.45 16.81 -11.12
C LEU B 76 7.84 17.17 -9.77
N ASN B 77 6.68 17.81 -9.80
CA ASN B 77 6.00 18.28 -8.59
C ASN B 77 4.73 17.45 -8.42
N VAL B 78 4.56 16.85 -7.24
CA VAL B 78 3.39 16.03 -6.95
C VAL B 78 2.80 16.56 -5.65
N ASN B 79 1.52 16.90 -5.67
CA ASN B 79 0.86 17.31 -4.43
C ASN B 79 -0.22 16.29 -4.02
N ALA B 80 -0.70 16.44 -2.79
CA ALA B 80 -1.73 15.55 -2.23
C ALA B 80 -1.31 14.09 -2.34
N LEU B 81 -0.09 13.81 -1.86
CA LEU B 81 0.48 12.46 -2.01
C LEU B 81 -0.40 11.40 -1.36
N LEU B 82 -0.47 10.24 -2.02
CA LEU B 82 -1.13 9.04 -1.53
C LEU B 82 -0.09 7.97 -1.32
N LEU B 83 -0.44 6.98 -0.47
CA LEU B 83 0.47 5.85 -0.23
C LEU B 83 0.88 5.19 -1.55
N GLY B 84 -0.07 5.06 -2.48
CA GLY B 84 0.18 4.46 -3.78
C GLY B 84 1.06 5.27 -4.71
N ASP B 85 1.44 6.48 -4.33
CA ASP B 85 2.45 7.23 -5.07
C ASP B 85 3.87 6.78 -4.75
N SER B 86 4.06 5.91 -3.74
CA SER B 86 5.38 5.37 -3.47
C SER B 86 5.91 4.64 -4.70
N ALA B 87 7.12 5.01 -5.14
CA ALA B 87 7.65 4.46 -6.38
C ALA B 87 9.10 4.90 -6.54
N LEU B 88 9.78 4.31 -7.53
CA LEU B 88 11.02 4.87 -8.04
C LEU B 88 10.65 5.81 -9.18
N TYR B 89 10.97 7.10 -9.03
CA TYR B 89 10.68 8.08 -10.07
C TYR B 89 11.93 8.29 -10.92
N LEU B 90 11.82 7.96 -12.20
CA LEU B 90 12.94 7.97 -13.13
C LEU B 90 12.83 9.15 -14.09
N CYS B 91 13.97 9.74 -14.41
CA CYS B 91 14.11 10.76 -15.44
C CYS B 91 14.97 10.21 -16.56
N ALA B 92 14.54 10.41 -17.82
CA ALA B 92 15.36 10.06 -18.95
C ALA B 92 15.51 11.28 -19.85
N SER B 93 16.72 11.51 -20.36
CA SER B 93 16.98 12.65 -21.22
C SER B 93 17.29 12.20 -22.64
N SER B 94 17.03 13.10 -23.59
CA SER B 94 17.24 12.80 -25.00
C SER B 94 17.36 14.12 -25.75
N LEU B 95 17.55 14.04 -27.06
CA LEU B 95 17.85 15.23 -27.85
C LEU B 95 16.67 15.57 -28.76
N GLY B 96 16.13 16.77 -28.59
CA GLY B 96 15.14 17.32 -29.52
C GLY B 96 13.90 16.47 -29.72
N GLU B 97 13.39 15.80 -28.68
CA GLU B 97 12.23 14.91 -28.78
C GLU B 97 12.44 13.79 -29.80
N GLY B 98 13.70 13.48 -30.12
CA GLY B 98 14.01 12.43 -31.07
C GLY B 98 14.88 11.35 -30.45
N ARG B 99 15.24 10.38 -31.28
CA ARG B 99 15.92 9.18 -30.82
C ARG B 99 17.39 9.14 -31.19
N VAL B 100 17.90 10.13 -31.92
CA VAL B 100 19.19 10.00 -32.59
C VAL B 100 20.37 10.11 -31.63
N ASP B 101 20.18 10.69 -30.44
CA ASP B 101 21.25 10.71 -29.45
C ASP B 101 20.94 9.82 -28.26
N GLY B 102 20.02 8.86 -28.44
CA GLY B 102 19.69 7.90 -27.40
C GLY B 102 18.75 8.46 -26.35
N TYR B 103 18.41 7.60 -25.39
CA TYR B 103 17.64 7.95 -24.20
C TYR B 103 18.43 7.44 -23.01
N THR B 104 18.90 8.35 -22.16
CA THR B 104 19.70 7.99 -20.98
C THR B 104 18.88 8.22 -19.73
N PHE B 105 18.80 7.21 -18.86
CA PHE B 105 18.04 7.29 -17.61
C PHE B 105 18.96 7.62 -16.43
N GLY B 106 18.44 8.41 -15.50
CA GLY B 106 19.05 8.54 -14.20
C GLY B 106 18.81 7.28 -13.37
N SER B 107 19.35 7.30 -12.17
CA SER B 107 19.15 6.18 -11.27
C SER B 107 17.92 6.35 -10.39
N GLY B 108 17.23 7.48 -10.47
CA GLY B 108 15.90 7.60 -9.90
C GLY B 108 15.90 8.15 -8.49
N THR B 109 14.74 8.66 -8.09
CA THR B 109 14.47 9.06 -6.72
C THR B 109 13.51 8.05 -6.11
N ARG B 110 13.93 7.40 -5.04
CA ARG B 110 13.07 6.46 -4.34
C ARG B 110 12.23 7.26 -3.35
N LEU B 111 10.94 7.40 -3.63
CA LEU B 111 10.00 8.15 -2.80
C LEU B 111 9.07 7.17 -2.11
N THR B 112 9.05 7.20 -0.77
CA THR B 112 8.08 6.40 -0.03
C THR B 112 7.12 7.34 0.70
N VAL B 113 5.83 7.15 0.49
CA VAL B 113 4.80 7.90 1.16
C VAL B 113 4.29 7.02 2.29
N VAL B 114 4.38 7.51 3.53
CA VAL B 114 4.00 6.73 4.69
C VAL B 114 2.75 7.34 5.32
N GLU B 115 2.02 6.54 6.09
CA GLU B 115 0.84 7.07 6.76
C GLU B 115 1.23 8.06 7.86
N ASP B 116 2.25 7.73 8.65
CA ASP B 116 2.68 8.60 9.73
C ASP B 116 4.19 8.53 9.84
N LEU B 117 4.78 9.60 10.36
CA LEU B 117 6.22 9.62 10.61
C LEU B 117 6.64 8.46 11.49
N ARG B 118 5.79 8.09 12.45
CA ARG B 118 6.16 6.99 13.34
C ARG B 118 6.12 5.63 12.67
N ASN B 119 5.71 5.54 11.39
CA ASN B 119 5.92 4.31 10.62
C ASN B 119 7.38 4.06 10.30
N VAL B 120 8.24 5.07 10.43
CA VAL B 120 9.64 4.95 10.02
C VAL B 120 10.48 4.41 11.18
N PHE B 121 11.30 3.40 10.91
CA PHE B 121 12.21 2.77 11.85
C PHE B 121 13.59 2.58 11.21
N PRO B 122 14.66 2.81 11.96
CA PRO B 122 16.00 2.55 11.43
C PRO B 122 16.34 1.07 11.56
N PRO B 123 17.36 0.60 10.85
CA PRO B 123 17.81 -0.79 11.02
C PRO B 123 18.66 -0.98 12.27
N GLU B 124 18.50 -2.15 12.88
CA GLU B 124 19.48 -2.68 13.83
C GLU B 124 20.41 -3.60 13.06
N VAL B 125 21.71 -3.52 13.35
CA VAL B 125 22.71 -4.24 12.58
C VAL B 125 23.53 -5.11 13.52
N ALA B 126 23.65 -6.40 13.21
CA ALA B 126 24.51 -7.29 13.98
C ALA B 126 25.32 -8.17 13.04
N VAL B 127 26.54 -8.50 13.46
CA VAL B 127 27.42 -9.38 12.72
C VAL B 127 27.61 -10.65 13.54
N PHE B 128 27.55 -11.80 12.87
CA PHE B 128 27.68 -13.10 13.51
C PHE B 128 28.95 -13.76 13.01
N GLU B 129 29.78 -14.22 13.93
CA GLU B 129 31.11 -14.68 13.61
C GLU B 129 31.07 -16.11 13.06
N PRO B 130 32.08 -16.48 12.27
CA PRO B 130 32.02 -17.77 11.55
C PRO B 130 32.01 -18.98 12.47
N SER B 131 31.30 -20.02 12.02
CA SER B 131 31.23 -21.29 12.72
C SER B 131 32.59 -22.00 12.73
N GLU B 132 32.99 -22.48 13.91
CA GLU B 132 34.20 -23.28 13.97
C GLU B 132 34.07 -24.58 13.18
N ALA B 133 32.86 -25.14 13.10
CA ALA B 133 32.65 -26.34 12.29
C ALA B 133 32.87 -26.06 10.79
N GLU B 134 32.41 -24.90 10.31
CA GLU B 134 32.69 -24.56 8.91
C GLU B 134 34.19 -24.45 8.66
N ILE B 135 34.89 -23.75 9.56
CA ILE B 135 36.33 -23.52 9.39
C ILE B 135 37.07 -24.84 9.34
N SER B 136 36.79 -25.74 10.28
CA SER B 136 37.45 -27.04 10.34
C SER B 136 37.23 -27.82 9.05
N HIS B 137 35.99 -27.82 8.55
CA HIS B 137 35.62 -28.69 7.44
C HIS B 137 36.04 -28.12 6.09
N THR B 138 35.85 -26.81 5.87
CA THR B 138 36.08 -26.20 4.57
C THR B 138 37.32 -25.32 4.49
N GLN B 139 37.91 -24.93 5.62
CA GLN B 139 38.99 -23.94 5.67
C GLN B 139 38.56 -22.60 5.08
N LYS B 140 37.26 -22.33 5.09
CA LYS B 140 36.69 -21.03 4.77
C LYS B 140 35.86 -20.58 5.96
N ALA B 141 35.52 -19.29 5.97
CA ALA B 141 34.85 -18.70 7.12
C ALA B 141 33.85 -17.68 6.63
N THR B 142 32.57 -17.92 6.91
CA THR B 142 31.50 -17.03 6.45
C THR B 142 31.04 -16.17 7.62
N LEU B 143 31.15 -14.86 7.45
CA LEU B 143 30.50 -13.89 8.35
C LEU B 143 29.13 -13.56 7.78
N VAL B 144 28.18 -13.34 8.68
CA VAL B 144 26.80 -13.02 8.30
C VAL B 144 26.41 -11.71 8.97
N CYS B 145 25.81 -10.82 8.20
CA CYS B 145 25.30 -9.56 8.72
C CYS B 145 23.78 -9.58 8.62
N LEU B 146 23.12 -9.07 9.65
CA LEU B 146 21.65 -8.95 9.63
C LEU B 146 21.24 -7.53 9.96
N ALA B 147 20.49 -6.89 9.07
CA ALA B 147 19.90 -5.58 9.31
C ALA B 147 18.40 -5.80 9.46
N THR B 148 17.85 -5.43 10.60
CA THR B 148 16.49 -5.83 10.94
C THR B 148 15.72 -4.66 11.51
N GLY B 149 14.40 -4.74 11.39
CA GLY B 149 13.51 -3.79 12.03
C GLY B 149 13.37 -2.46 11.33
N PHE B 150 13.79 -2.35 10.07
CA PHE B 150 13.78 -1.04 9.42
C PHE B 150 12.55 -0.87 8.55
N TYR B 151 12.14 0.41 8.38
CA TYR B 151 11.06 0.77 7.46
C TYR B 151 11.24 2.25 7.12
N PRO B 152 11.07 2.66 5.86
CA PRO B 152 10.77 1.82 4.71
C PRO B 152 12.02 1.13 4.20
N ASP B 153 11.95 0.49 3.02
CA ASP B 153 13.09 -0.23 2.46
C ASP B 153 14.00 0.78 1.76
N HIS B 154 14.76 1.49 2.58
CA HIS B 154 15.68 2.53 2.13
C HIS B 154 17.07 2.25 2.69
N VAL B 155 17.66 1.10 2.36
CA VAL B 155 18.94 0.70 2.92
C VAL B 155 19.92 0.33 1.82
N GLU B 156 21.20 0.57 2.08
CA GLU B 156 22.29 0.12 1.22
C GLU B 156 23.32 -0.52 2.15
N LEU B 157 23.62 -1.80 1.95
CA LEU B 157 24.53 -2.52 2.82
C LEU B 157 25.86 -2.74 2.12
N SER B 158 26.97 -2.53 2.83
CA SER B 158 28.29 -2.80 2.28
C SER B 158 29.18 -3.46 3.33
N TRP B 159 30.18 -4.21 2.86
CA TRP B 159 31.20 -4.79 3.71
C TRP B 159 32.51 -4.04 3.55
N TRP B 160 33.25 -3.91 4.65
CA TRP B 160 34.49 -3.14 4.68
C TRP B 160 35.52 -3.96 5.45
N VAL B 161 36.64 -4.26 4.81
CA VAL B 161 37.71 -5.04 5.41
C VAL B 161 38.91 -4.13 5.54
N ASN B 162 39.36 -3.92 6.78
CA ASN B 162 40.47 -3.00 7.06
C ASN B 162 40.25 -1.65 6.38
N GLY B 163 39.04 -1.12 6.51
CA GLY B 163 38.72 0.21 6.03
C GLY B 163 38.47 0.36 4.55
N LYS B 164 38.45 -0.72 3.77
CA LYS B 164 38.20 -0.69 2.33
C LYS B 164 37.01 -1.54 1.96
N GLU B 165 36.15 -1.04 1.06
CA GLU B 165 34.97 -1.81 0.67
C GLU B 165 35.40 -3.03 -0.13
N VAL B 166 34.74 -4.16 0.12
CA VAL B 166 35.02 -5.39 -0.60
C VAL B 166 33.76 -5.88 -1.30
N HIS B 167 33.96 -6.61 -2.40
CA HIS B 167 32.86 -7.19 -3.15
C HIS B 167 33.07 -8.67 -3.38
N SER B 168 34.33 -9.08 -3.47
CA SER B 168 34.64 -10.49 -3.63
C SER B 168 34.28 -11.25 -2.35
N GLY B 169 33.66 -12.42 -2.53
CA GLY B 169 33.20 -13.19 -1.40
C GLY B 169 31.95 -12.67 -0.74
N VAL B 170 31.27 -11.69 -1.34
CA VAL B 170 30.10 -11.03 -0.77
C VAL B 170 28.85 -11.39 -1.55
N CYS B 171 27.75 -11.56 -0.83
CA CYS B 171 26.43 -11.75 -1.45
C CYS B 171 25.36 -11.20 -0.49
N THR B 172 24.52 -10.31 -0.93
CA THR B 172 23.47 -9.69 -0.15
C THR B 172 22.11 -10.06 -0.75
N ASP B 173 21.13 -10.38 0.11
CA ASP B 173 19.78 -10.69 -0.37
C ASP B 173 19.36 -9.64 -1.40
N PRO B 174 18.87 -10.05 -2.56
CA PRO B 174 18.39 -9.04 -3.52
C PRO B 174 17.14 -8.32 -3.04
N GLN B 175 16.31 -8.96 -2.23
CA GLN B 175 15.19 -8.26 -1.62
C GLN B 175 15.12 -8.60 -0.13
N PRO B 176 14.61 -7.67 0.67
CA PRO B 176 14.44 -7.95 2.11
C PRO B 176 13.21 -8.79 2.40
N LEU B 177 13.22 -9.42 3.57
CA LEU B 177 12.04 -10.09 4.10
C LEU B 177 11.14 -9.11 4.83
N LYS B 178 9.84 -9.35 4.74
CA LYS B 178 8.89 -8.64 5.60
C LYS B 178 8.84 -9.38 6.94
N GLU B 179 9.12 -8.68 8.03
CA GLU B 179 9.13 -9.34 9.32
C GLU B 179 7.73 -9.84 9.68
N GLN B 180 6.69 -9.17 9.19
CA GLN B 180 5.29 -9.57 9.41
C GLN B 180 4.60 -9.48 8.06
N PRO B 181 4.64 -10.56 7.27
CA PRO B 181 4.16 -10.47 5.87
C PRO B 181 2.73 -10.00 5.70
N ALA B 182 1.86 -10.20 6.70
CA ALA B 182 0.48 -9.80 6.53
C ALA B 182 0.24 -8.31 6.74
N LEU B 183 1.22 -7.56 7.26
CA LEU B 183 1.04 -6.12 7.45
C LEU B 183 1.53 -5.37 6.21
N ASN B 184 0.71 -4.43 5.74
CA ASN B 184 1.07 -3.64 4.58
C ASN B 184 2.30 -2.77 4.84
N ASP B 185 2.61 -2.47 6.11
CA ASP B 185 3.71 -1.59 6.46
C ASP B 185 4.71 -2.32 7.34
N SER B 186 4.80 -3.64 7.18
CA SER B 186 5.75 -4.45 7.92
C SER B 186 7.17 -3.87 7.83
N ARG B 187 7.88 -3.94 8.94
CA ARG B 187 9.31 -3.68 8.96
C ARG B 187 10.05 -4.82 8.26
N TYR B 188 11.30 -4.55 7.87
CA TYR B 188 12.02 -5.42 6.98
C TYR B 188 13.27 -5.96 7.65
N ALA B 189 13.77 -7.07 7.10
CA ALA B 189 15.05 -7.65 7.47
C ALA B 189 15.82 -7.96 6.20
N LEU B 190 17.14 -7.83 6.27
CA LEU B 190 18.02 -8.03 5.12
C LEU B 190 19.26 -8.74 5.63
N SER B 191 19.75 -9.73 4.90
CA SER B 191 20.95 -10.43 5.33
C SER B 191 22.01 -10.35 4.25
N SER B 192 23.26 -10.48 4.68
CA SER B 192 24.38 -10.48 3.76
C SER B 192 25.44 -11.43 4.30
N ARG B 193 26.26 -11.92 3.39
CA ARG B 193 27.33 -12.82 3.81
C ARG B 193 28.65 -12.36 3.23
N LEU B 194 29.72 -12.54 3.99
CA LEU B 194 31.07 -12.30 3.50
C LEU B 194 31.87 -13.54 3.82
N ARG B 195 32.42 -14.19 2.80
CA ARG B 195 33.20 -15.40 3.00
C ARG B 195 34.67 -15.13 2.68
N VAL B 196 35.55 -15.54 3.59
CA VAL B 196 36.98 -15.35 3.48
C VAL B 196 37.66 -16.67 3.82
N SER B 197 38.95 -16.77 3.50
CA SER B 197 39.68 -17.95 3.91
C SER B 197 39.80 -18.01 5.43
N ALA B 198 39.94 -19.23 5.95
CA ALA B 198 40.09 -19.40 7.40
C ALA B 198 41.31 -18.65 7.92
N THR B 199 42.41 -18.69 7.18
CA THR B 199 43.62 -18.00 7.62
C THR B 199 43.38 -16.49 7.74
N PHE B 200 42.66 -15.90 6.78
CA PHE B 200 42.38 -14.46 6.85
C PHE B 200 41.51 -14.12 8.06
N TRP B 201 40.46 -14.92 8.31
CA TRP B 201 39.65 -14.71 9.52
C TRP B 201 40.45 -14.92 10.79
N GLN B 202 41.47 -15.77 10.75
CA GLN B 202 42.16 -16.11 11.99
C GLN B 202 43.23 -15.08 12.36
N ASN B 203 43.46 -14.08 11.54
CA ASN B 203 44.43 -13.03 11.83
C ASN B 203 43.74 -11.93 12.62
N PRO B 204 44.07 -11.74 13.90
CA PRO B 204 43.40 -10.68 14.69
C PRO B 204 43.72 -9.27 14.22
N ARG B 205 44.70 -9.07 13.33
CA ARG B 205 44.92 -7.76 12.73
C ARG B 205 43.81 -7.35 11.77
N ASN B 206 43.04 -8.30 11.24
CA ASN B 206 42.03 -7.98 10.23
C ASN B 206 40.75 -7.47 10.88
N HIS B 207 40.20 -6.40 10.33
CA HIS B 207 38.99 -5.77 10.85
C HIS B 207 37.87 -5.91 9.83
N PHE B 208 36.70 -6.40 10.27
CA PHE B 208 35.56 -6.66 9.39
C PHE B 208 34.38 -5.80 9.84
N ARG B 209 33.76 -5.09 8.90
CA ARG B 209 32.61 -4.26 9.24
C ARG B 209 31.50 -4.46 8.21
N CYS B 210 30.27 -4.62 8.69
CA CYS B 210 29.08 -4.55 7.86
C CYS B 210 28.42 -3.22 8.16
N GLN B 211 28.17 -2.43 7.11
CA GLN B 211 27.78 -1.03 7.19
C GLN B 211 26.47 -0.83 6.46
N VAL B 212 25.49 -0.24 7.13
CA VAL B 212 24.17 -0.06 6.54
C VAL B 212 23.85 1.44 6.52
N GLN B 213 23.69 1.99 5.32
CA GLN B 213 23.21 3.34 5.12
C GLN B 213 21.69 3.29 5.11
N PHE B 214 21.04 4.12 5.92
CA PHE B 214 19.59 4.17 5.97
C PHE B 214 19.18 5.59 5.61
N TYR B 215 18.19 5.73 4.71
CA TYR B 215 17.64 7.03 4.33
C TYR B 215 16.31 7.19 5.03
N GLY B 216 16.25 8.12 6.00
CA GLY B 216 15.08 8.28 6.82
C GLY B 216 14.50 9.67 6.79
N LEU B 217 14.19 10.18 7.97
CA LEU B 217 13.56 11.48 8.12
C LEU B 217 14.62 12.56 8.04
N SER B 218 14.18 13.77 7.68
CA SER B 218 15.08 14.90 7.58
C SER B 218 15.13 15.68 8.89
N GLU B 219 16.01 16.69 8.93
CA GLU B 219 16.03 17.64 10.03
C GLU B 219 14.66 18.30 10.21
N ASN B 220 13.95 18.52 9.11
CA ASN B 220 12.70 19.28 9.13
C ASN B 220 11.52 18.49 9.67
N ASP B 221 11.61 17.17 9.66
CA ASP B 221 10.48 16.34 10.14
C ASP B 221 10.37 16.47 11.66
N GLU B 222 9.15 16.69 12.17
CA GLU B 222 8.93 16.89 13.63
C GLU B 222 8.73 15.56 14.37
N TRP B 223 9.72 15.11 15.12
CA TRP B 223 9.63 13.82 15.86
C TRP B 223 9.06 14.03 17.27
N THR B 224 8.02 13.28 17.63
CA THR B 224 7.43 13.37 18.97
C THR B 224 7.64 12.13 19.82
N GLN B 225 8.07 11.02 19.23
CA GLN B 225 8.10 9.75 19.93
C GLN B 225 9.26 9.68 20.90
N ASP B 226 9.19 8.72 21.82
CA ASP B 226 10.24 8.60 22.83
C ASP B 226 11.48 7.91 22.28
N ARG B 227 11.32 6.94 21.37
CA ARG B 227 12.48 6.37 20.72
C ARG B 227 13.19 7.43 19.88
N ALA B 228 14.44 7.13 19.53
CA ALA B 228 15.27 8.09 18.78
C ALA B 228 14.63 8.41 17.43
N LYS B 229 14.79 9.65 16.99
CA LYS B 229 14.30 10.06 15.68
C LYS B 229 14.98 9.23 14.59
N PRO B 230 14.22 8.60 13.69
CA PRO B 230 14.88 7.73 12.69
C PRO B 230 15.39 8.53 11.48
N VAL B 231 16.41 9.36 11.75
CA VAL B 231 17.03 10.18 10.71
C VAL B 231 17.85 9.30 9.76
N THR B 232 18.16 9.88 8.58
CA THR B 232 19.20 9.31 7.74
C THR B 232 20.46 9.08 8.58
N GLN B 233 21.06 7.88 8.44
CA GLN B 233 22.14 7.49 9.34
C GLN B 233 22.88 6.29 8.80
N ILE B 234 24.08 6.08 9.32
CA ILE B 234 24.92 4.93 8.98
C ILE B 234 25.07 4.08 10.24
N VAL B 235 24.60 2.83 10.17
CA VAL B 235 24.67 1.89 11.28
C VAL B 235 25.56 0.72 10.87
N SER B 236 26.41 0.28 11.80
CA SER B 236 27.44 -0.71 11.49
C SER B 236 27.55 -1.72 12.62
N ALA B 237 28.08 -2.88 12.27
CA ALA B 237 28.49 -3.88 13.26
C ALA B 237 29.83 -4.43 12.78
N GLU B 238 30.68 -4.83 13.72
CA GLU B 238 32.04 -5.16 13.35
C GLU B 238 32.60 -6.27 14.23
N ALA B 239 33.70 -6.85 13.74
CA ALA B 239 34.43 -7.88 14.45
C ALA B 239 35.87 -7.85 13.99
N TRP B 240 36.80 -8.07 14.93
CA TRP B 240 38.15 -8.34 14.50
C TRP B 240 38.28 -9.86 14.28
N GLY B 241 39.30 -10.25 13.51
CA GLY B 241 39.60 -11.67 13.37
C GLY B 241 39.99 -12.30 14.69
N ARG B 242 39.90 -13.63 14.75
CA ARG B 242 40.11 -14.39 15.99
C ARG B 242 41.03 -15.57 15.70
N ALA B 243 42.16 -15.64 16.42
CA ALA B 243 43.13 -16.71 16.23
C ALA B 243 42.55 -18.05 16.70
N SER C 2 -8.20 -11.47 5.79
CA SER C 2 -8.28 -10.67 7.02
C SER C 2 -9.73 -10.45 7.46
N HIS C 3 -9.89 -10.13 8.74
CA HIS C 3 -11.17 -9.81 9.34
C HIS C 3 -10.90 -8.79 10.45
N SER C 4 -11.93 -8.08 10.87
CA SER C 4 -11.73 -7.07 11.90
C SER C 4 -13.01 -6.89 12.71
N MET C 5 -12.84 -6.46 13.96
CA MET C 5 -13.94 -5.97 14.80
C MET C 5 -13.62 -4.52 15.17
N ARG C 6 -14.61 -3.64 15.03
CA ARG C 6 -14.34 -2.22 15.24
C ARG C 6 -15.51 -1.59 15.96
N TYR C 7 -15.21 -0.74 16.94
CA TYR C 7 -16.23 -0.03 17.69
C TYR C 7 -16.07 1.47 17.41
N PHE C 8 -17.19 2.18 17.33
CA PHE C 8 -17.21 3.60 16.97
C PHE C 8 -18.07 4.33 17.98
N TYR C 9 -17.46 5.21 18.77
CA TYR C 9 -18.16 6.00 19.79
C TYR C 9 -18.24 7.46 19.38
N THR C 10 -19.43 8.05 19.52
CA THR C 10 -19.62 9.48 19.30
C THR C 10 -20.32 10.10 20.51
N ALA C 11 -19.68 11.06 21.16
CA ALA C 11 -20.29 11.79 22.26
C ALA C 11 -20.35 13.25 21.88
N VAL C 12 -21.53 13.86 22.04
CA VAL C 12 -21.78 15.24 21.60
C VAL C 12 -22.41 16.02 22.74
N SER C 13 -21.76 17.09 23.17
CA SER C 13 -22.35 17.90 24.22
C SER C 13 -23.48 18.74 23.64
N ARG C 14 -24.36 19.20 24.54
CA ARG C 14 -25.61 19.84 24.15
C ARG C 14 -25.89 20.97 25.13
N PRO C 15 -25.47 22.22 24.81
CA PRO C 15 -25.66 23.35 25.70
C PRO C 15 -27.14 23.50 26.11
N GLY C 16 -27.42 23.35 27.41
CA GLY C 16 -28.80 23.56 27.91
C GLY C 16 -29.59 22.27 28.05
N ARG C 17 -29.37 21.31 27.17
CA ARG C 17 -30.15 20.04 27.20
C ARG C 17 -29.49 19.07 28.16
N GLY C 18 -28.64 19.57 29.06
CA GLY C 18 -28.00 18.71 30.06
C GLY C 18 -27.06 17.65 29.49
N GLU C 19 -27.27 16.38 29.85
CA GLU C 19 -26.32 15.29 29.49
C GLU C 19 -25.99 15.25 28.00
N PRO C 20 -24.74 14.93 27.63
CA PRO C 20 -24.38 14.75 26.23
C PRO C 20 -25.03 13.49 25.64
N ARG C 21 -25.17 13.44 24.32
CA ARG C 21 -25.69 12.22 23.71
C ARG C 21 -24.51 11.33 23.35
N PHE C 22 -24.60 10.06 23.75
CA PHE C 22 -23.57 9.09 23.49
C PHE C 22 -24.17 8.00 22.60
N ILE C 23 -23.48 7.70 21.50
CA ILE C 23 -23.91 6.68 20.56
C ILE C 23 -22.73 5.79 20.25
N ALA C 24 -22.95 4.47 20.30
CA ALA C 24 -21.91 3.50 20.02
C ALA C 24 -22.42 2.51 18.99
N VAL C 25 -21.57 2.18 18.01
CA VAL C 25 -21.89 1.12 17.06
C VAL C 25 -20.68 0.23 16.93
N GLY C 26 -20.93 -1.07 16.74
CA GLY C 26 -19.87 -2.05 16.56
C GLY C 26 -20.07 -2.83 15.27
N TYR C 27 -18.95 -3.14 14.61
CA TYR C 27 -18.92 -3.82 13.33
C TYR C 27 -17.99 -5.02 13.38
N VAL C 28 -18.36 -6.07 12.65
CA VAL C 28 -17.39 -7.06 12.17
C VAL C 28 -17.29 -6.87 10.67
N ASP C 29 -16.10 -6.59 10.17
CA ASP C 29 -15.90 -6.26 8.74
C ASP C 29 -16.90 -5.17 8.39
N ASP C 30 -17.71 -5.32 7.34
CA ASP C 30 -18.66 -4.31 6.92
C ASP C 30 -20.06 -4.55 7.47
N THR C 31 -20.19 -5.37 8.51
CA THR C 31 -21.49 -5.73 9.06
C THR C 31 -21.65 -5.18 10.49
N GLN C 32 -22.61 -4.28 10.68
CA GLN C 32 -22.91 -3.78 12.02
C GLN C 32 -23.62 -4.86 12.83
N PHE C 33 -23.24 -4.98 14.11
CA PHE C 33 -23.92 -5.96 14.95
C PHE C 33 -24.52 -5.39 16.23
N VAL C 34 -24.18 -4.16 16.64
CA VAL C 34 -24.70 -3.64 17.90
C VAL C 34 -24.83 -2.12 17.80
N GLN C 35 -25.79 -1.58 18.56
CA GLN C 35 -26.02 -0.16 18.68
C GLN C 35 -26.33 0.18 20.13
N PHE C 36 -25.86 1.34 20.60
CA PHE C 36 -26.26 1.89 21.89
C PHE C 36 -26.47 3.38 21.70
N ASP C 37 -27.57 3.90 22.25
CA ASP C 37 -27.91 5.31 22.12
C ASP C 37 -28.41 5.80 23.47
N SER C 38 -27.69 6.76 24.06
CA SER C 38 -28.05 7.24 25.40
C SER C 38 -29.39 7.96 25.43
N ASP C 39 -29.90 8.44 24.30
CA ASP C 39 -31.15 9.24 24.29
C ASP C 39 -32.37 8.30 24.20
N ALA C 40 -32.13 7.00 24.08
CA ALA C 40 -33.24 6.04 23.94
C ALA C 40 -34.05 5.95 25.23
N ALA C 41 -35.29 5.44 25.14
CA ALA C 41 -36.19 5.38 26.32
C ALA C 41 -35.59 4.69 27.54
N SER C 42 -35.08 3.48 27.37
CA SER C 42 -34.33 2.84 28.49
C SER C 42 -33.05 2.37 27.80
N PRO C 43 -31.95 3.14 27.84
CA PRO C 43 -30.76 2.79 27.07
C PRO C 43 -30.28 1.33 27.24
N ARG C 44 -30.08 0.63 26.13
CA ARG C 44 -29.59 -0.75 26.18
C ARG C 44 -28.79 -1.03 24.93
N GLY C 45 -27.80 -1.92 25.06
CA GLY C 45 -27.17 -2.47 23.87
C GLY C 45 -28.19 -3.23 23.05
N GLU C 46 -28.18 -2.98 21.74
CA GLU C 46 -29.24 -3.51 20.89
C GLU C 46 -28.63 -4.30 19.74
N PRO C 47 -29.13 -5.49 19.44
CA PRO C 47 -28.57 -6.28 18.35
C PRO C 47 -28.93 -5.67 17.00
N ARG C 48 -28.01 -5.84 16.04
CA ARG C 48 -28.21 -5.40 14.67
C ARG C 48 -27.88 -6.48 13.67
N ALA C 49 -27.50 -7.67 14.11
CA ALA C 49 -27.17 -8.79 13.25
C ALA C 49 -27.68 -10.07 13.90
N PRO C 50 -28.12 -11.04 13.09
CA PRO C 50 -28.71 -12.25 13.69
C PRO C 50 -27.73 -13.05 14.54
N TRP C 51 -26.43 -12.97 14.27
CA TRP C 51 -25.48 -13.81 14.99
C TRP C 51 -25.11 -13.29 16.38
N VAL C 52 -25.65 -12.15 16.81
CA VAL C 52 -25.63 -11.79 18.23
C VAL C 52 -27.00 -11.77 18.86
N GLU C 53 -28.08 -11.80 18.07
CA GLU C 53 -29.41 -11.88 18.67
C GLU C 53 -29.57 -13.14 19.49
N GLN C 54 -28.85 -14.20 19.13
CA GLN C 54 -28.87 -15.46 19.86
C GLN C 54 -28.17 -15.37 21.21
N GLU C 55 -27.32 -14.37 21.42
CA GLU C 55 -26.62 -14.25 22.70
C GLU C 55 -27.63 -14.01 23.80
N GLY C 56 -27.36 -14.59 24.98
CA GLY C 56 -28.32 -14.56 26.07
C GLY C 56 -28.28 -13.26 26.85
N PRO C 57 -29.15 -13.18 27.88
CA PRO C 57 -29.28 -11.91 28.62
C PRO C 57 -28.04 -11.52 29.42
N GLU C 58 -27.23 -12.46 29.90
CA GLU C 58 -25.99 -12.05 30.56
C GLU C 58 -25.10 -11.27 29.62
N TYR C 59 -24.96 -11.75 28.38
CA TYR C 59 -24.16 -11.05 27.39
C TYR C 59 -24.64 -9.61 27.24
N TRP C 60 -25.95 -9.44 27.05
CA TRP C 60 -26.51 -8.11 26.79
C TRP C 60 -26.50 -7.23 28.03
N ASP C 61 -26.64 -7.82 29.22
CA ASP C 61 -26.52 -7.05 30.45
C ASP C 61 -25.11 -6.51 30.62
N ARG C 62 -24.10 -7.33 30.36
CA ARG C 62 -22.73 -6.86 30.52
C ARG C 62 -22.38 -5.80 29.47
N GLU C 63 -22.82 -5.99 28.23
CA GLU C 63 -22.58 -4.94 27.20
C GLU C 63 -23.27 -3.63 27.63
N THR C 64 -24.52 -3.72 28.03
CA THR C 64 -25.25 -2.53 28.47
C THR C 64 -24.54 -1.82 29.61
N GLN C 65 -24.06 -2.57 30.62
CA GLN C 65 -23.37 -1.96 31.73
C GLN C 65 -22.11 -1.23 31.30
N LYS C 66 -21.38 -1.79 30.33
CA LYS C 66 -20.22 -1.09 29.80
C LYS C 66 -20.61 0.20 29.10
N TYR C 67 -21.62 0.15 28.23
CA TYR C 67 -22.04 1.36 27.51
C TYR C 67 -22.49 2.45 28.47
N LYS C 68 -23.23 2.08 29.52
CA LYS C 68 -23.72 3.07 30.48
C LYS C 68 -22.59 3.75 31.23
N ARG C 69 -21.60 2.97 31.66
CA ARG C 69 -20.42 3.56 32.30
C ARG C 69 -19.64 4.42 31.32
N GLN C 70 -19.47 3.93 30.09
CA GLN C 70 -18.78 4.71 29.07
C GLN C 70 -19.45 6.06 28.86
N ALA C 71 -20.78 6.07 28.73
CA ALA C 71 -21.48 7.34 28.50
C ALA C 71 -21.25 8.31 29.67
N GLN C 72 -21.24 7.78 30.90
CA GLN C 72 -20.97 8.64 32.05
C GLN C 72 -19.57 9.22 31.98
N THR C 73 -18.59 8.45 31.52
CA THR C 73 -17.19 8.93 31.48
C THR C 73 -17.01 9.98 30.37
N ASP C 74 -17.75 9.86 29.28
CA ASP C 74 -17.64 10.83 28.15
C ASP C 74 -18.19 12.20 28.58
N ARG C 75 -19.17 12.23 29.47
CA ARG C 75 -19.65 13.53 30.02
C ARG C 75 -18.48 14.20 30.74
N VAL C 76 -17.78 13.45 31.57
CA VAL C 76 -16.60 13.99 32.23
C VAL C 76 -15.56 14.40 31.20
N ASN C 77 -15.34 13.56 30.18
CA ASN C 77 -14.32 13.85 29.17
C ASN C 77 -14.63 15.14 28.42
N LEU C 78 -15.90 15.34 28.02
CA LEU C 78 -16.24 16.57 27.28
C LEU C 78 -16.04 17.81 28.14
N ARG C 79 -16.30 17.70 29.45
CA ARG C 79 -16.05 18.83 30.35
C ARG C 79 -14.56 19.10 30.51
N LYS C 80 -13.74 18.05 30.64
CA LYS C 80 -12.30 18.26 30.74
C LYS C 80 -11.75 18.92 29.48
N LEU C 81 -12.17 18.42 28.32
CA LEU C 81 -11.71 18.98 27.05
C LEU C 81 -12.07 20.46 26.93
N ARG C 82 -13.25 20.84 27.42
CA ARG C 82 -13.61 22.25 27.42
C ARG C 82 -12.62 23.07 28.22
N GLY C 83 -12.19 22.54 29.38
CA GLY C 83 -11.16 23.22 30.16
C GLY C 83 -9.83 23.29 29.44
N TYR C 84 -9.45 22.19 28.76
CA TYR C 84 -8.14 22.13 28.12
C TYR C 84 -8.00 23.18 27.02
N TYR C 85 -9.08 23.41 26.28
CA TYR C 85 -9.08 24.30 25.12
C TYR C 85 -9.66 25.67 25.44
N ASN C 86 -9.92 25.97 26.72
CA ASN C 86 -10.52 27.21 27.20
C ASN C 86 -11.73 27.60 26.34
N GLN C 87 -12.66 26.67 26.25
CA GLN C 87 -13.86 26.82 25.43
C GLN C 87 -15.08 27.06 26.31
N SER C 88 -16.06 27.76 25.74
CA SER C 88 -17.25 28.11 26.49
C SER C 88 -18.23 26.94 26.56
N GLU C 89 -19.17 27.06 27.49
CA GLU C 89 -20.28 26.12 27.61
C GLU C 89 -21.38 26.35 26.57
N ALA C 90 -21.34 27.47 25.85
CA ALA C 90 -22.40 27.81 24.92
C ALA C 90 -22.37 26.99 23.64
N GLY C 91 -21.23 26.40 23.28
CA GLY C 91 -21.09 25.66 22.05
C GLY C 91 -21.11 24.15 22.24
N SER C 92 -21.51 23.46 21.19
CA SER C 92 -21.56 21.99 21.17
C SER C 92 -20.22 21.45 20.69
N HIS C 93 -19.78 20.34 21.29
CA HIS C 93 -18.51 19.74 20.93
C HIS C 93 -18.64 18.22 20.83
N THR C 94 -17.70 17.61 20.12
CA THR C 94 -17.80 16.21 19.72
C THR C 94 -16.54 15.46 20.11
N LEU C 95 -16.70 14.37 20.85
CA LEU C 95 -15.60 13.49 21.17
C LEU C 95 -15.87 12.14 20.52
N GLN C 96 -14.93 11.67 19.70
CA GLN C 96 -15.07 10.41 18.99
C GLN C 96 -13.95 9.45 19.39
N ARG C 97 -14.27 8.16 19.33
CA ARG C 97 -13.29 7.14 19.61
C ARG C 97 -13.52 5.99 18.66
N MET C 98 -12.43 5.46 18.10
CA MET C 98 -12.48 4.25 17.29
C MET C 98 -11.45 3.28 17.83
N TYR C 99 -11.85 2.02 18.00
CA TYR C 99 -10.92 1.00 18.48
C TYR C 99 -11.31 -0.35 17.91
N GLY C 100 -10.37 -1.27 17.91
CA GLY C 100 -10.68 -2.62 17.50
C GLY C 100 -9.43 -3.41 17.15
N CYS C 101 -9.65 -4.58 16.55
CA CYS C 101 -8.56 -5.51 16.28
C CYS C 101 -8.73 -6.12 14.90
N ASP C 102 -7.61 -6.29 14.21
CA ASP C 102 -7.54 -7.05 12.96
C ASP C 102 -6.96 -8.45 13.22
N LEU C 103 -7.58 -9.45 12.60
CA LEU C 103 -7.08 -10.84 12.67
C LEU C 103 -6.37 -11.13 11.35
N GLY C 104 -5.22 -11.77 11.41
CA GLY C 104 -4.47 -12.12 10.18
C GLY C 104 -5.13 -13.24 9.39
N PRO C 105 -4.62 -13.58 8.19
CA PRO C 105 -5.15 -14.70 7.41
C PRO C 105 -4.97 -16.01 8.19
N ASP C 106 -4.13 -16.00 9.23
CA ASP C 106 -3.88 -17.21 10.07
C ASP C 106 -4.84 -17.27 11.25
N GLY C 107 -5.69 -16.26 11.45
CA GLY C 107 -6.54 -16.21 12.61
C GLY C 107 -5.86 -15.70 13.87
N ARG C 108 -4.69 -15.08 13.74
CA ARG C 108 -3.97 -14.47 14.85
C ARG C 108 -4.10 -12.94 14.80
N LEU C 109 -3.99 -12.30 15.96
CA LEU C 109 -4.00 -10.85 16.04
C LEU C 109 -2.96 -10.23 15.12
N LEU C 110 -3.41 -9.30 14.29
CA LEU C 110 -2.53 -8.63 13.36
C LEU C 110 -2.17 -7.24 13.82
N ARG C 111 -3.16 -6.49 14.30
CA ARG C 111 -3.01 -5.08 14.60
C ARG C 111 -4.18 -4.67 15.51
N GLY C 112 -3.87 -3.90 16.55
CA GLY C 112 -4.91 -3.33 17.39
C GLY C 112 -4.89 -1.83 17.28
N TYR C 113 -6.01 -1.16 17.59
CA TYR C 113 -6.00 0.29 17.52
C TYR C 113 -7.00 0.85 18.53
N ASN C 114 -6.78 2.11 18.87
CA ASN C 114 -7.57 2.83 19.87
C ASN C 114 -7.20 4.30 19.75
N GLN C 115 -8.06 5.09 19.13
CA GLN C 115 -7.72 6.48 18.86
C GLN C 115 -8.95 7.36 19.03
N PHE C 116 -8.67 8.65 19.22
CA PHE C 116 -9.65 9.62 19.65
C PHE C 116 -9.54 10.87 18.79
N ALA C 117 -10.66 11.54 18.59
CA ALA C 117 -10.67 12.82 17.92
C ALA C 117 -11.58 13.78 18.69
N TYR C 118 -11.20 15.06 18.68
CA TYR C 118 -12.00 16.11 19.29
C TYR C 118 -12.39 17.15 18.23
N ASP C 119 -13.68 17.47 18.18
CA ASP C 119 -14.22 18.33 17.12
C ASP C 119 -13.63 18.04 15.75
N GLY C 120 -13.55 16.76 15.40
CA GLY C 120 -13.22 16.34 14.06
C GLY C 120 -11.75 16.23 13.74
N LYS C 121 -10.86 16.48 14.70
CA LYS C 121 -9.42 16.40 14.49
C LYS C 121 -8.81 15.37 15.43
N ASP C 122 -7.74 14.72 14.96
CA ASP C 122 -7.01 13.77 15.79
C ASP C 122 -6.68 14.40 17.14
N TYR C 123 -6.84 13.63 18.21
CA TYR C 123 -6.52 14.10 19.55
C TYR C 123 -5.39 13.27 20.14
N ILE C 124 -5.62 11.98 20.33
CA ILE C 124 -4.58 11.07 20.81
C ILE C 124 -4.84 9.69 20.23
N ALA C 125 -3.76 8.97 19.96
CA ALA C 125 -3.84 7.63 19.39
C ALA C 125 -2.88 6.70 20.13
N LEU C 126 -3.32 5.46 20.35
CA LEU C 126 -2.44 4.41 20.83
C LEU C 126 -1.55 3.97 19.67
N ASN C 127 -0.24 3.89 19.91
CA ASN C 127 0.64 3.48 18.82
C ASN C 127 0.50 1.99 18.55
N GLU C 128 1.01 1.55 17.39
CA GLU C 128 0.84 0.14 17.03
C GLU C 128 1.50 -0.81 18.02
N ASP C 129 2.46 -0.34 18.80
CA ASP C 129 3.04 -1.21 19.81
C ASP C 129 2.09 -1.46 20.99
N LEU C 130 0.94 -0.77 21.03
CA LEU C 130 -0.06 -0.89 22.11
C LEU C 130 0.55 -0.57 23.47
N ARG C 131 1.60 0.26 23.46
CA ARG C 131 2.35 0.57 24.68
C ARG C 131 2.61 2.05 24.87
N SER C 132 2.55 2.86 23.81
CA SER C 132 2.86 4.28 23.88
C SER C 132 1.84 5.05 23.05
N TRP C 133 1.81 6.37 23.24
CA TRP C 133 0.77 7.23 22.68
C TRP C 133 1.37 8.26 21.72
N THR C 134 0.55 8.74 20.80
CA THR C 134 0.88 9.92 20.01
C THR C 134 -0.19 10.97 20.23
N ALA C 135 0.20 12.11 20.76
CA ALA C 135 -0.70 13.21 21.04
C ALA C 135 -0.62 14.22 19.90
N ALA C 136 -1.76 14.74 19.50
CA ALA C 136 -1.77 15.68 18.39
C ALA C 136 -1.45 17.11 18.80
N ASP C 137 -1.56 17.46 20.07
CA ASP C 137 -1.34 18.86 20.44
C ASP C 137 -0.98 18.95 21.93
N LYS C 138 -0.83 20.18 22.44
CA LYS C 138 -0.41 20.31 23.84
C LYS C 138 -1.55 19.93 24.80
N ALA C 139 -2.82 20.07 24.40
CA ALA C 139 -3.91 19.58 25.26
C ALA C 139 -3.86 18.07 25.40
N ALA C 140 -3.72 17.36 24.29
CA ALA C 140 -3.62 15.92 24.29
C ALA C 140 -2.37 15.43 25.00
N GLN C 141 -1.33 16.27 25.07
CA GLN C 141 -0.15 15.91 25.86
C GLN C 141 -0.47 15.83 27.35
N ILE C 142 -1.41 16.64 27.84
CA ILE C 142 -1.88 16.48 29.21
C ILE C 142 -2.50 15.11 29.40
N THR C 143 -3.41 14.74 28.49
CA THR C 143 -4.01 13.41 28.54
C THR C 143 -2.95 12.32 28.48
N GLN C 144 -1.96 12.48 27.59
CA GLN C 144 -0.92 11.46 27.48
C GLN C 144 -0.21 11.25 28.82
N ARG C 145 0.19 12.34 29.49
CA ARG C 145 0.89 12.19 30.76
C ARG C 145 0.00 11.50 31.79
N LYS C 146 -1.29 11.86 31.80
CA LYS C 146 -2.24 11.23 32.70
C LYS C 146 -2.34 9.73 32.42
N TRP C 147 -2.38 9.35 31.15
CA TRP C 147 -2.51 7.95 30.75
C TRP C 147 -1.22 7.15 30.93
N GLU C 148 -0.06 7.78 30.74
CA GLU C 148 1.19 7.09 31.06
C GLU C 148 1.26 6.78 32.56
N ALA C 149 0.87 7.74 33.39
CA ALA C 149 0.88 7.52 34.84
C ALA C 149 -0.11 6.42 35.26
N ALA C 150 -1.30 6.40 34.63
CA ALA C 150 -2.30 5.39 34.97
C ALA C 150 -2.08 4.06 34.27
N ARG C 151 -1.08 3.97 33.38
CA ARG C 151 -0.80 2.73 32.66
C ARG C 151 -2.01 2.32 31.83
N GLU C 152 -2.72 3.34 31.31
CA GLU C 152 -3.88 3.13 30.46
C GLU C 152 -3.57 2.20 29.30
N ALA C 153 -2.39 2.30 28.71
CA ALA C 153 -2.05 1.48 27.51
C ALA C 153 -2.10 -0.02 27.82
N GLU C 154 -1.65 -0.41 29.01
CA GLU C 154 -1.66 -1.84 29.42
C GLU C 154 -3.11 -2.33 29.54
N GLN C 155 -3.99 -1.48 30.03
CA GLN C 155 -5.41 -1.83 30.14
C GLN C 155 -5.95 -2.09 28.72
N ARG C 156 -5.66 -1.18 27.81
CA ARG C 156 -6.20 -1.32 26.45
C ARG C 156 -5.55 -2.50 25.74
N ARG C 157 -4.23 -2.67 25.90
CA ARG C 157 -3.54 -3.80 25.28
C ARG C 157 -4.17 -5.11 25.68
N ALA C 158 -4.50 -5.28 26.97
CA ALA C 158 -5.11 -6.52 27.43
C ALA C 158 -6.41 -6.81 26.69
N TYR C 159 -7.25 -5.79 26.47
CA TYR C 159 -8.47 -6.01 25.70
C TYR C 159 -8.15 -6.27 24.22
N LEU C 160 -7.28 -5.44 23.64
CA LEU C 160 -7.05 -5.53 22.20
C LEU C 160 -6.39 -6.86 21.81
N GLU C 161 -5.46 -7.34 22.63
CA GLU C 161 -4.78 -8.60 22.34
C GLU C 161 -5.57 -9.81 22.80
N GLY C 162 -6.48 -9.65 23.75
CA GLY C 162 -7.14 -10.79 24.33
C GLY C 162 -8.62 -10.84 23.98
N THR C 163 -9.41 -10.09 24.74
CA THR C 163 -10.85 -10.15 24.61
C THR C 163 -11.31 -9.81 23.19
N CYS C 164 -10.77 -8.73 22.61
CA CYS C 164 -11.18 -8.29 21.27
C CYS C 164 -11.07 -9.43 20.26
N VAL C 165 -9.92 -10.11 20.25
CA VAL C 165 -9.67 -11.18 19.29
C VAL C 165 -10.61 -12.36 19.53
N GLU C 166 -10.84 -12.71 20.80
CA GLU C 166 -11.69 -13.86 21.11
C GLU C 166 -13.14 -13.59 20.74
N TRP C 167 -13.61 -12.36 20.95
CA TRP C 167 -14.96 -12.02 20.51
C TRP C 167 -15.06 -12.13 18.99
N LEU C 168 -14.06 -11.59 18.29
CA LEU C 168 -14.07 -11.62 16.84
C LEU C 168 -14.12 -13.05 16.32
N ARG C 169 -13.34 -13.95 16.92
CA ARG C 169 -13.39 -15.36 16.53
C ARG C 169 -14.76 -15.97 16.79
N ARG C 170 -15.34 -15.70 17.96
CA ARG C 170 -16.67 -16.24 18.26
C ARG C 170 -17.68 -15.76 17.23
N TYR C 171 -17.68 -14.46 16.93
CA TYR C 171 -18.63 -13.91 15.96
C TYR C 171 -18.41 -14.50 14.57
N LEU C 172 -17.16 -14.60 14.14
CA LEU C 172 -16.86 -15.14 12.81
C LEU C 172 -17.36 -16.58 12.66
N GLU C 173 -17.30 -17.36 13.74
CA GLU C 173 -17.82 -18.72 13.71
C GLU C 173 -19.34 -18.74 13.75
N ASN C 174 -19.95 -18.03 14.71
CA ASN C 174 -21.40 -18.03 14.82
C ASN C 174 -22.09 -17.35 13.64
N GLY C 175 -21.39 -16.48 12.92
CA GLY C 175 -21.97 -15.87 11.76
C GLY C 175 -21.25 -16.25 10.48
N LYS C 176 -20.68 -17.46 10.42
CA LYS C 176 -19.81 -17.79 9.29
C LYS C 176 -20.59 -17.81 7.98
N LYS C 177 -21.90 -18.10 8.02
CA LYS C 177 -22.68 -18.20 6.80
C LYS C 177 -22.75 -16.87 6.05
N THR C 178 -22.64 -15.75 6.77
CA THR C 178 -22.69 -14.45 6.13
C THR C 178 -21.37 -13.69 6.20
N LEU C 179 -20.64 -13.80 7.31
CA LEU C 179 -19.42 -13.04 7.47
C LEU C 179 -18.26 -13.62 6.66
N GLN C 180 -18.25 -14.93 6.43
CA GLN C 180 -17.13 -15.57 5.76
C GLN C 180 -17.49 -16.07 4.36
N ARG C 181 -18.60 -15.59 3.81
CA ARG C 181 -19.05 -15.94 2.46
C ARG C 181 -19.20 -14.65 1.66
N ALA C 182 -18.24 -14.35 0.79
CA ALA C 182 -18.34 -13.16 -0.03
C ALA C 182 -19.47 -13.28 -1.04
N GLU C 183 -20.20 -12.19 -1.25
CA GLU C 183 -21.28 -12.14 -2.22
C GLU C 183 -20.76 -11.37 -3.43
N HIS C 184 -20.65 -12.04 -4.56
CA HIS C 184 -20.09 -11.45 -5.76
C HIS C 184 -20.99 -10.33 -6.29
N PRO C 185 -20.42 -9.33 -6.96
CA PRO C 185 -21.24 -8.26 -7.54
C PRO C 185 -21.99 -8.74 -8.77
N LYS C 186 -23.24 -8.31 -8.89
CA LYS C 186 -23.98 -8.45 -10.14
C LYS C 186 -23.64 -7.24 -10.99
N THR C 187 -23.26 -7.47 -12.25
CA THR C 187 -22.70 -6.40 -13.08
C THR C 187 -23.44 -6.27 -14.41
N HIS C 188 -23.48 -5.04 -14.92
CA HIS C 188 -24.07 -4.75 -16.22
C HIS C 188 -23.65 -3.34 -16.62
N VAL C 189 -23.77 -3.04 -17.91
CA VAL C 189 -23.34 -1.76 -18.46
C VAL C 189 -24.54 -1.11 -19.11
N THR C 190 -24.77 0.17 -18.80
CA THR C 190 -25.83 0.94 -19.43
C THR C 190 -25.25 2.00 -20.35
N HIS C 191 -26.11 2.53 -21.22
CA HIS C 191 -25.71 3.38 -22.34
C HIS C 191 -26.69 4.54 -22.43
N HIS C 192 -26.18 5.77 -22.36
CA HIS C 192 -27.01 6.97 -22.37
C HIS C 192 -26.41 7.99 -23.32
N PRO C 193 -27.05 8.29 -24.45
CA PRO C 193 -26.57 9.35 -25.34
C PRO C 193 -26.40 10.68 -24.61
N VAL C 194 -25.34 11.42 -24.98
CA VAL C 194 -25.05 12.71 -24.35
C VAL C 194 -25.05 13.83 -25.40
N SER C 195 -24.74 13.48 -26.64
CA SER C 195 -24.74 14.43 -27.76
C SER C 195 -24.79 13.61 -29.04
N ASP C 196 -24.76 14.31 -30.18
CA ASP C 196 -24.84 13.61 -31.46
C ASP C 196 -23.68 12.64 -31.67
N HIS C 197 -22.54 12.86 -31.01
CA HIS C 197 -21.37 12.04 -31.25
C HIS C 197 -20.77 11.47 -29.97
N GLU C 198 -21.51 11.51 -28.85
CA GLU C 198 -21.00 11.05 -27.57
C GLU C 198 -22.09 10.32 -26.79
N ALA C 199 -21.67 9.36 -25.97
CA ALA C 199 -22.58 8.55 -25.16
C ALA C 199 -21.88 8.12 -23.88
N THR C 200 -22.62 8.10 -22.77
CA THR C 200 -22.10 7.63 -21.49
C THR C 200 -22.25 6.11 -21.40
N LEU C 201 -21.15 5.42 -21.14
CA LEU C 201 -21.18 4.02 -20.74
C LEU C 201 -21.01 3.96 -19.23
N ARG C 202 -21.93 3.28 -18.54
CA ARG C 202 -21.87 3.22 -17.08
C ARG C 202 -21.85 1.76 -16.64
N CYS C 203 -20.77 1.37 -15.97
CA CYS C 203 -20.57 0.02 -15.47
C CYS C 203 -21.06 -0.07 -14.03
N TRP C 204 -21.99 -1.00 -13.77
CA TRP C 204 -22.65 -1.13 -12.48
C TRP C 204 -22.20 -2.38 -11.75
N ALA C 205 -21.99 -2.26 -10.43
CA ALA C 205 -21.78 -3.41 -9.55
C ALA C 205 -22.75 -3.30 -8.39
N LEU C 206 -23.61 -4.31 -8.22
CA LEU C 206 -24.70 -4.26 -7.27
C LEU C 206 -24.73 -5.54 -6.44
N GLY C 207 -25.17 -5.40 -5.19
CA GLY C 207 -25.38 -6.54 -4.32
C GLY C 207 -24.14 -7.24 -3.84
N PHE C 208 -22.99 -6.58 -3.80
CA PHE C 208 -21.77 -7.26 -3.39
C PHE C 208 -21.48 -7.03 -1.90
N TYR C 209 -20.76 -7.99 -1.32
CA TYR C 209 -20.28 -7.95 0.07
C TYR C 209 -18.97 -8.72 0.11
N PRO C 210 -17.91 -8.19 0.74
CA PRO C 210 -17.80 -6.93 1.48
C PRO C 210 -17.66 -5.72 0.56
N ALA C 211 -17.49 -4.52 1.13
CA ALA C 211 -17.62 -3.29 0.32
C ALA C 211 -16.44 -3.08 -0.61
N GLU C 212 -15.27 -3.63 -0.29
CA GLU C 212 -14.07 -3.39 -1.09
C GLU C 212 -14.28 -3.84 -2.54
N ILE C 213 -14.05 -2.94 -3.49
CA ILE C 213 -14.25 -3.27 -4.90
C ILE C 213 -13.39 -2.35 -5.75
N THR C 214 -13.03 -2.84 -6.93
CA THR C 214 -12.33 -2.03 -7.93
C THR C 214 -13.08 -2.09 -9.26
N LEU C 215 -13.42 -0.92 -9.79
CA LEU C 215 -14.07 -0.79 -11.10
C LEU C 215 -13.22 0.09 -11.99
N THR C 216 -12.89 -0.40 -13.17
CA THR C 216 -12.06 0.38 -14.08
C THR C 216 -12.63 0.28 -15.48
N TRP C 217 -12.46 1.34 -16.26
CA TRP C 217 -12.72 1.34 -17.69
C TRP C 217 -11.38 1.36 -18.43
N GLN C 218 -11.27 0.54 -19.47
CA GLN C 218 -10.10 0.53 -20.33
C GLN C 218 -10.53 0.77 -21.76
N ARG C 219 -9.74 1.55 -22.49
CA ARG C 219 -9.87 1.65 -23.94
C ARG C 219 -8.60 1.11 -24.54
N ASP C 220 -8.73 0.06 -25.37
CA ASP C 220 -7.60 -0.60 -26.01
C ASP C 220 -6.64 -1.20 -24.98
N GLY C 221 -7.18 -1.56 -23.82
CA GLY C 221 -6.34 -2.20 -22.78
C GLY C 221 -5.63 -1.17 -21.93
N GLU C 222 -5.82 0.11 -22.24
CA GLU C 222 -5.22 1.19 -21.44
C GLU C 222 -6.28 1.78 -20.52
N ASP C 223 -5.97 1.88 -19.23
CA ASP C 223 -6.94 2.42 -18.26
C ASP C 223 -7.34 3.84 -18.68
N GLN C 224 -8.62 4.17 -18.52
CA GLN C 224 -9.11 5.54 -18.84
C GLN C 224 -9.36 6.24 -17.51
N THR C 225 -8.41 6.11 -16.58
CA THR C 225 -8.61 6.64 -15.23
C THR C 225 -8.95 8.13 -15.25
N GLN C 226 -8.27 8.90 -16.10
CA GLN C 226 -8.39 10.35 -16.02
C GLN C 226 -9.76 10.84 -16.46
N ASP C 227 -10.48 10.09 -17.29
CA ASP C 227 -11.79 10.50 -17.75
C ASP C 227 -12.91 9.59 -17.25
N THR C 228 -12.69 8.88 -16.16
CA THR C 228 -13.71 8.03 -15.56
C THR C 228 -14.29 8.71 -14.32
N GLU C 229 -15.62 8.80 -14.26
CA GLU C 229 -16.30 9.26 -13.06
C GLU C 229 -16.69 8.07 -12.20
N LEU C 230 -16.20 8.05 -10.96
CA LEU C 230 -16.54 7.04 -9.97
C LEU C 230 -17.39 7.67 -8.88
N VAL C 231 -18.45 6.99 -8.47
CA VAL C 231 -19.14 7.37 -7.23
C VAL C 231 -18.51 6.60 -6.10
N GLU C 232 -18.65 7.13 -4.89
CA GLU C 232 -18.25 6.38 -3.71
C GLU C 232 -19.11 5.13 -3.59
N THR C 233 -18.47 4.04 -3.16
CA THR C 233 -19.21 2.84 -2.77
C THR C 233 -20.26 3.17 -1.72
N ARG C 234 -21.45 2.64 -1.90
CA ARG C 234 -22.61 3.08 -1.14
C ARG C 234 -23.45 1.88 -0.72
N PRO C 235 -24.15 1.98 0.40
CA PRO C 235 -24.89 0.81 0.90
C PRO C 235 -26.22 0.65 0.20
N ALA C 236 -26.55 -0.61 -0.11
CA ALA C 236 -27.85 -0.87 -0.74
C ALA C 236 -28.99 -0.79 0.27
N GLY C 237 -28.69 -0.93 1.56
CA GLY C 237 -29.71 -0.95 2.58
C GLY C 237 -30.08 -2.33 3.08
N ASP C 238 -29.70 -3.38 2.36
CA ASP C 238 -29.97 -4.76 2.74
C ASP C 238 -28.73 -5.47 3.25
N GLY C 239 -27.64 -4.73 3.52
CA GLY C 239 -26.38 -5.31 3.91
C GLY C 239 -25.36 -5.45 2.80
N THR C 240 -25.74 -5.22 1.53
CA THR C 240 -24.80 -5.24 0.42
C THR C 240 -24.53 -3.82 -0.08
N PHE C 241 -23.64 -3.72 -1.06
CA PHE C 241 -23.12 -2.43 -1.50
C PHE C 241 -23.26 -2.28 -3.02
N GLN C 242 -23.12 -1.04 -3.48
CA GLN C 242 -23.24 -0.67 -4.88
C GLN C 242 -22.14 0.32 -5.25
N LYS C 243 -21.73 0.28 -6.52
CA LYS C 243 -20.78 1.24 -7.07
C LYS C 243 -20.95 1.25 -8.58
N TRP C 244 -20.63 2.39 -9.20
CA TRP C 244 -20.54 2.41 -10.65
C TRP C 244 -19.44 3.35 -11.11
N ALA C 245 -19.01 3.11 -12.36
CA ALA C 245 -18.00 3.90 -13.06
C ALA C 245 -18.53 4.23 -14.44
N ALA C 246 -18.34 5.47 -14.88
CA ALA C 246 -18.88 5.93 -16.14
C ALA C 246 -17.81 6.65 -16.95
N VAL C 247 -17.87 6.48 -18.27
CA VAL C 247 -16.96 7.15 -19.18
C VAL C 247 -17.78 7.65 -20.37
N VAL C 248 -17.41 8.83 -20.87
CA VAL C 248 -18.04 9.39 -22.06
C VAL C 248 -17.25 8.95 -23.28
N VAL C 249 -17.97 8.53 -24.31
CA VAL C 249 -17.42 7.73 -25.41
C VAL C 249 -17.97 8.22 -26.72
N PRO C 250 -17.16 8.23 -27.78
CA PRO C 250 -17.67 8.64 -29.08
C PRO C 250 -18.64 7.62 -29.65
N SER C 251 -19.75 8.10 -30.17
CA SER C 251 -20.69 7.22 -30.87
C SER C 251 -19.95 6.43 -31.94
N GLY C 252 -19.92 5.11 -31.78
CA GLY C 252 -19.19 4.27 -32.75
C GLY C 252 -18.00 3.53 -32.14
N GLU C 253 -17.42 4.04 -31.06
CA GLU C 253 -16.20 3.43 -30.46
C GLU C 253 -16.55 2.62 -29.20
N GLU C 254 -17.82 2.33 -28.99
CA GLU C 254 -18.24 1.64 -27.74
C GLU C 254 -17.52 0.29 -27.64
N GLN C 255 -17.42 -0.42 -28.75
CA GLN C 255 -16.79 -1.73 -28.75
C GLN C 255 -15.32 -1.69 -28.36
N ARG C 256 -14.74 -0.49 -28.24
CA ARG C 256 -13.35 -0.33 -27.83
C ARG C 256 -13.18 -0.27 -26.31
N TYR C 257 -14.26 -0.24 -25.54
CA TYR C 257 -14.19 -0.04 -24.10
C TYR C 257 -14.60 -1.32 -23.35
N THR C 258 -13.82 -1.66 -22.32
CA THR C 258 -14.11 -2.79 -21.45
C THR C 258 -14.12 -2.30 -20.01
N CYS C 259 -15.05 -2.82 -19.22
CA CYS C 259 -15.11 -2.56 -17.79
C CYS C 259 -14.55 -3.75 -17.04
N HIS C 260 -13.73 -3.48 -16.03
CA HIS C 260 -13.03 -4.52 -15.28
C HIS C 260 -13.39 -4.42 -13.80
N VAL C 261 -13.80 -5.56 -13.23
CA VAL C 261 -14.35 -5.63 -11.88
C VAL C 261 -13.51 -6.59 -11.07
N GLN C 262 -12.94 -6.09 -9.97
CA GLN C 262 -12.20 -6.90 -9.01
C GLN C 262 -12.97 -6.92 -7.69
N HIS C 263 -13.26 -8.11 -7.20
CA HIS C 263 -13.95 -8.29 -5.93
C HIS C 263 -13.62 -9.68 -5.41
N GLU C 264 -13.65 -9.83 -4.08
CA GLU C 264 -13.20 -11.08 -3.49
C GLU C 264 -14.22 -12.21 -3.69
N GLY C 265 -15.48 -11.88 -3.98
CA GLY C 265 -16.46 -12.89 -4.34
C GLY C 265 -16.35 -13.41 -5.75
N LEU C 266 -15.44 -12.85 -6.54
CA LEU C 266 -15.24 -13.24 -7.92
C LEU C 266 -14.04 -14.18 -8.03
N PRO C 267 -14.20 -15.37 -8.59
CA PRO C 267 -13.03 -16.25 -8.77
C PRO C 267 -11.94 -15.64 -9.63
N GLU C 268 -12.32 -14.92 -10.68
CA GLU C 268 -11.40 -14.22 -11.57
C GLU C 268 -11.92 -12.81 -11.77
N PRO C 269 -11.05 -11.84 -12.04
CA PRO C 269 -11.54 -10.51 -12.43
C PRO C 269 -12.46 -10.61 -13.63
N LEU C 270 -13.40 -9.68 -13.71
CA LEU C 270 -14.45 -9.68 -14.71
C LEU C 270 -14.19 -8.62 -15.76
N THR C 271 -14.52 -8.95 -17.01
CA THR C 271 -14.47 -7.99 -18.11
C THR C 271 -15.84 -7.93 -18.75
N LEU C 272 -16.36 -6.71 -18.90
CA LEU C 272 -17.69 -6.50 -19.43
C LEU C 272 -17.62 -5.45 -20.52
N ARG C 273 -18.60 -5.47 -21.42
CA ARG C 273 -18.70 -4.42 -22.43
C ARG C 273 -20.18 -4.21 -22.74
N TRP C 274 -20.45 -3.19 -23.55
CA TRP C 274 -21.79 -2.96 -24.08
C TRP C 274 -21.83 -3.50 -25.50
N MET D 1 -12.92 25.14 15.14
CA MET D 1 -13.54 23.83 15.05
C MET D 1 -13.19 23.28 13.68
N ILE D 2 -13.72 22.11 13.32
CA ILE D 2 -13.48 21.57 11.99
C ILE D 2 -14.85 21.23 11.42
N GLN D 3 -15.16 21.74 10.23
CA GLN D 3 -16.43 21.44 9.61
C GLN D 3 -16.24 20.89 8.21
N ARG D 4 -17.07 19.90 7.88
CA ARG D 4 -16.97 19.21 6.58
C ARG D 4 -18.36 19.15 5.95
N THR D 5 -18.46 19.55 4.69
CA THR D 5 -19.77 19.58 3.99
C THR D 5 -20.21 18.17 3.61
N PRO D 6 -21.50 17.84 3.79
CA PRO D 6 -22.01 16.54 3.42
C PRO D 6 -21.98 16.19 1.92
N LYS D 7 -21.57 14.97 1.59
CA LYS D 7 -21.69 14.49 0.19
C LYS D 7 -23.01 13.73 0.14
N ILE D 8 -23.73 13.81 -0.97
CA ILE D 8 -25.10 13.22 -1.03
C ILE D 8 -25.30 12.35 -2.26
N GLN D 9 -25.74 11.13 -2.05
CA GLN D 9 -26.14 10.26 -3.15
C GLN D 9 -27.58 9.82 -2.94
N VAL D 10 -28.39 9.89 -4.00
CA VAL D 10 -29.77 9.44 -3.98
C VAL D 10 -29.94 8.41 -5.08
N TYR D 11 -30.55 7.28 -4.75
CA TYR D 11 -30.56 6.12 -5.63
C TYR D 11 -31.53 5.12 -5.03
N SER D 12 -31.76 4.04 -5.76
CA SER D 12 -32.69 2.99 -5.34
C SER D 12 -31.90 1.73 -5.02
N ARG D 13 -32.47 0.94 -4.10
CA ARG D 13 -31.86 -0.33 -3.74
C ARG D 13 -31.70 -1.25 -4.94
N HIS D 14 -32.75 -1.37 -5.75
CA HIS D 14 -32.72 -2.19 -6.95
C HIS D 14 -32.89 -1.30 -8.18
N PRO D 15 -32.40 -1.73 -9.35
CA PRO D 15 -32.69 -0.97 -10.57
C PRO D 15 -34.18 -0.74 -10.70
N ALA D 16 -34.56 0.51 -10.93
CA ALA D 16 -35.96 0.89 -10.85
C ALA D 16 -36.74 0.28 -12.00
N GLU D 17 -37.93 -0.21 -11.69
CA GLU D 17 -38.91 -0.57 -12.71
C GLU D 17 -40.24 0.02 -12.28
N ASN D 18 -40.82 0.83 -13.15
CA ASN D 18 -42.04 1.54 -12.83
C ASN D 18 -43.12 0.55 -12.42
N GLY D 19 -43.84 0.87 -11.34
CA GLY D 19 -44.87 0.00 -10.81
C GLY D 19 -44.40 -1.16 -9.98
N LYS D 20 -43.14 -1.18 -9.54
CA LYS D 20 -42.58 -2.27 -8.75
C LYS D 20 -41.93 -1.73 -7.47
N SER D 21 -42.24 -2.37 -6.35
CA SER D 21 -41.77 -1.92 -5.04
C SER D 21 -40.25 -1.91 -4.95
N ASN D 22 -39.71 -0.87 -4.32
CA ASN D 22 -38.28 -0.64 -4.23
C ASN D 22 -38.00 0.10 -2.92
N PHE D 23 -36.76 0.52 -2.75
CA PHE D 23 -36.36 1.35 -1.62
C PHE D 23 -35.63 2.57 -2.14
N LEU D 24 -36.05 3.74 -1.67
CA LEU D 24 -35.41 4.99 -2.05
C LEU D 24 -34.39 5.37 -0.98
N ASN D 25 -33.13 5.50 -1.39
CA ASN D 25 -32.02 5.74 -0.46
C ASN D 25 -31.48 7.15 -0.63
N CYS D 26 -31.15 7.78 0.49
CA CYS D 26 -30.35 9.00 0.47
C CYS D 26 -29.16 8.77 1.40
N TYR D 27 -27.98 8.64 0.82
CA TYR D 27 -26.75 8.34 1.55
C TYR D 27 -26.00 9.66 1.73
N VAL D 28 -25.86 10.10 2.98
CA VAL D 28 -25.13 11.32 3.29
C VAL D 28 -23.87 10.95 4.05
N SER D 29 -22.71 11.44 3.56
CA SER D 29 -21.44 11.04 4.13
C SER D 29 -20.46 12.21 4.14
N GLY D 30 -19.33 11.99 4.81
CA GLY D 30 -18.24 12.94 4.81
C GLY D 30 -18.51 14.23 5.55
N PHE D 31 -19.55 14.29 6.38
CA PHE D 31 -19.87 15.53 7.07
C PHE D 31 -19.39 15.56 8.52
N HIS D 32 -19.33 16.77 9.06
CA HIS D 32 -18.93 17.01 10.45
C HIS D 32 -19.32 18.44 10.77
N PRO D 33 -19.94 18.71 11.92
CA PRO D 33 -20.34 17.78 12.99
C PRO D 33 -21.52 16.88 12.62
N SER D 34 -21.97 16.08 13.59
CA SER D 34 -22.92 14.98 13.33
C SER D 34 -24.36 15.44 13.20
N ASP D 35 -24.71 16.61 13.72
CA ASP D 35 -26.09 17.08 13.64
C ASP D 35 -26.44 17.34 12.18
N ILE D 36 -27.49 16.71 11.69
CA ILE D 36 -27.90 16.86 10.28
C ILE D 36 -29.39 16.59 10.18
N GLU D 37 -30.03 17.19 9.18
CA GLU D 37 -31.43 17.00 8.89
C GLU D 37 -31.57 16.54 7.45
N VAL D 38 -32.23 15.40 7.24
CA VAL D 38 -32.37 14.79 5.93
C VAL D 38 -33.85 14.46 5.74
N ASP D 39 -34.43 14.94 4.65
CA ASP D 39 -35.80 14.61 4.29
C ASP D 39 -35.82 14.01 2.89
N LEU D 40 -36.71 13.04 2.68
CA LEU D 40 -36.99 12.53 1.34
C LEU D 40 -38.27 13.17 0.82
N LEU D 41 -38.23 13.61 -0.43
CA LEU D 41 -39.36 14.33 -1.01
C LEU D 41 -39.99 13.52 -2.15
N LYS D 42 -41.32 13.53 -2.18
CA LYS D 42 -42.10 13.03 -3.31
C LYS D 42 -42.90 14.20 -3.88
N ASN D 43 -42.57 14.60 -5.12
CA ASN D 43 -43.22 15.74 -5.76
C ASN D 43 -43.15 16.97 -4.84
N GLY D 44 -41.95 17.25 -4.34
CA GLY D 44 -41.71 18.39 -3.49
C GLY D 44 -42.24 18.26 -2.07
N GLU D 45 -42.85 17.14 -1.71
CA GLU D 45 -43.49 17.00 -0.40
C GLU D 45 -42.76 15.96 0.44
N ARG D 46 -42.59 16.29 1.72
CA ARG D 46 -41.80 15.45 2.62
C ARG D 46 -42.50 14.11 2.84
N ILE D 47 -41.77 13.02 2.55
CA ILE D 47 -42.25 11.68 2.87
C ILE D 47 -42.17 11.44 4.38
N GLU D 48 -43.22 10.82 4.91
CA GLU D 48 -43.31 10.53 6.34
C GLU D 48 -42.78 9.13 6.63
N LYS D 49 -42.34 8.94 7.88
CA LYS D 49 -41.91 7.62 8.36
C LYS D 49 -40.63 7.15 7.68
N VAL D 50 -39.73 8.08 7.35
CA VAL D 50 -38.43 7.72 6.80
C VAL D 50 -37.53 7.26 7.95
N GLU D 51 -36.84 6.14 7.77
CA GLU D 51 -35.91 5.62 8.77
C GLU D 51 -34.48 5.89 8.33
N HIS D 52 -33.54 5.75 9.27
CA HIS D 52 -32.14 5.99 8.98
C HIS D 52 -31.27 5.04 9.78
N SER D 53 -30.06 4.79 9.27
CA SER D 53 -29.11 3.92 9.92
C SER D 53 -28.54 4.58 11.19
N ASP D 54 -27.77 3.81 11.94
CA ASP D 54 -27.17 4.31 13.18
C ASP D 54 -25.89 5.08 12.87
N LEU D 55 -25.69 6.19 13.59
CA LEU D 55 -24.57 7.09 13.33
C LEU D 55 -23.24 6.36 13.40
N SER D 56 -22.46 6.45 12.32
CA SER D 56 -21.11 5.91 12.30
C SER D 56 -20.21 6.89 11.57
N PHE D 57 -18.92 6.57 11.46
CA PHE D 57 -17.98 7.48 10.87
C PHE D 57 -16.82 6.71 10.25
N SER D 58 -16.09 7.39 9.38
CA SER D 58 -15.01 6.80 8.60
C SER D 58 -13.67 7.03 9.26
N LYS D 59 -12.62 6.56 8.58
CA LYS D 59 -11.24 6.72 9.04
C LYS D 59 -10.93 8.17 9.38
N ASP D 60 -11.38 9.10 8.54
CA ASP D 60 -11.09 10.52 8.75
C ASP D 60 -12.01 11.19 9.75
N TRP D 61 -12.82 10.42 10.48
CA TRP D 61 -13.74 10.85 11.54
C TRP D 61 -15.03 11.47 10.99
N SER D 62 -15.16 11.68 9.67
CA SER D 62 -16.40 12.23 9.14
C SER D 62 -17.51 11.19 9.23
N PHE D 63 -18.74 11.67 9.48
CA PHE D 63 -19.89 10.83 9.70
C PHE D 63 -20.56 10.40 8.39
N TYR D 64 -21.32 9.30 8.47
CA TYR D 64 -22.18 8.88 7.37
C TYR D 64 -23.46 8.27 7.92
N LEU D 65 -24.53 8.42 7.13
CA LEU D 65 -25.87 7.99 7.52
C LEU D 65 -26.62 7.62 6.25
N LEU D 66 -27.45 6.57 6.34
CA LEU D 66 -28.32 6.16 5.25
C LEU D 66 -29.77 6.41 5.65
N TYR D 67 -30.49 7.21 4.85
CA TYR D 67 -31.91 7.42 5.01
C TYR D 67 -32.64 6.68 3.89
N TYR D 68 -33.77 6.06 4.22
CA TYR D 68 -34.41 5.17 3.25
C TYR D 68 -35.89 5.02 3.57
N THR D 69 -36.69 4.74 2.52
CA THR D 69 -38.14 4.46 2.67
C THR D 69 -38.55 3.61 1.48
N GLU D 70 -39.53 2.73 1.64
CA GLU D 70 -40.03 1.93 0.49
C GLU D 70 -40.79 2.85 -0.46
N PHE D 71 -40.64 2.63 -1.76
CA PHE D 71 -41.43 3.42 -2.73
C PHE D 71 -41.69 2.57 -3.98
N THR D 72 -42.77 2.89 -4.69
CA THR D 72 -43.07 2.20 -5.97
C THR D 72 -42.91 3.27 -7.04
N PRO D 73 -41.79 3.28 -7.80
CA PRO D 73 -41.53 4.36 -8.76
C PRO D 73 -42.51 4.35 -9.91
N THR D 74 -42.76 5.54 -10.46
CA THR D 74 -43.65 5.69 -11.61
C THR D 74 -42.96 6.58 -12.64
N GLU D 75 -43.63 6.74 -13.79
CA GLU D 75 -43.05 7.49 -14.89
C GLU D 75 -42.92 8.97 -14.52
N LYS D 76 -43.91 9.52 -13.79
CA LYS D 76 -44.03 10.95 -13.60
C LYS D 76 -43.71 11.43 -12.18
N ASP D 77 -43.60 10.54 -11.21
CA ASP D 77 -43.34 10.98 -9.84
C ASP D 77 -41.87 11.37 -9.71
N GLU D 78 -41.63 12.51 -9.06
CA GLU D 78 -40.28 13.04 -8.89
C GLU D 78 -39.88 12.90 -7.43
N TYR D 79 -38.72 12.30 -7.20
CA TYR D 79 -38.21 12.05 -5.85
C TYR D 79 -36.88 12.76 -5.66
N ALA D 80 -36.63 13.18 -4.42
CA ALA D 80 -35.43 13.94 -4.11
C ALA D 80 -35.08 13.80 -2.63
N CYS D 81 -33.88 14.25 -2.31
CA CYS D 81 -33.37 14.27 -0.94
C CYS D 81 -33.00 15.70 -0.56
N ARG D 82 -33.55 16.20 0.54
CA ARG D 82 -33.26 17.53 1.06
C ARG D 82 -32.42 17.41 2.31
N VAL D 83 -31.25 18.05 2.32
CA VAL D 83 -30.28 17.92 3.41
C VAL D 83 -29.99 19.31 3.97
N ASN D 84 -29.99 19.43 5.30
CA ASN D 84 -29.59 20.63 6.02
C ASN D 84 -28.48 20.33 7.02
N HIS D 85 -27.48 21.21 7.06
CA HIS D 85 -26.27 21.04 7.86
C HIS D 85 -25.68 22.43 8.06
N VAL D 86 -24.93 22.60 9.15
CA VAL D 86 -24.38 23.93 9.44
C VAL D 86 -23.49 24.43 8.31
N THR D 87 -22.86 23.51 7.56
CA THR D 87 -22.02 23.89 6.43
C THR D 87 -22.82 24.35 5.21
N LEU D 88 -24.15 24.25 5.24
CA LEU D 88 -25.00 24.55 4.09
C LEU D 88 -25.81 25.81 4.39
N SER D 89 -25.52 26.89 3.65
CA SER D 89 -26.28 28.13 3.82
C SER D 89 -27.77 27.91 3.60
N GLN D 90 -28.11 27.25 2.50
CA GLN D 90 -29.45 26.84 2.12
C GLN D 90 -29.47 25.32 2.01
N PRO D 91 -30.65 24.69 2.16
CA PRO D 91 -30.72 23.24 2.01
C PRO D 91 -30.21 22.81 0.64
N LYS D 92 -29.51 21.68 0.61
CA LYS D 92 -29.11 21.11 -0.67
C LYS D 92 -30.13 20.05 -1.08
N ILE D 93 -30.68 20.19 -2.28
CA ILE D 93 -31.65 19.24 -2.81
C ILE D 93 -31.03 18.50 -3.98
N VAL D 94 -31.05 17.17 -3.91
CA VAL D 94 -30.53 16.30 -4.96
C VAL D 94 -31.67 15.43 -5.46
N LYS D 95 -31.99 15.57 -6.75
CA LYS D 95 -33.09 14.80 -7.34
C LYS D 95 -32.66 13.37 -7.61
N TRP D 96 -33.60 12.43 -7.45
CA TRP D 96 -33.36 11.04 -7.82
C TRP D 96 -33.35 10.87 -9.35
N ASP D 97 -32.30 10.22 -9.86
CA ASP D 97 -32.17 9.90 -11.28
C ASP D 97 -31.91 8.39 -11.39
N ARG D 98 -32.88 7.66 -11.95
CA ARG D 98 -32.82 6.20 -11.93
C ARG D 98 -31.63 5.65 -12.71
N ASP D 99 -31.00 6.46 -13.55
CA ASP D 99 -29.79 6.02 -14.26
C ASP D 99 -28.51 6.23 -13.43
N MET D 100 -28.64 6.62 -12.17
CA MET D 100 -27.47 6.97 -11.36
C MET D 100 -27.57 6.43 -9.92
N GLY E 1 -17.90 -7.73 21.44
CA GLY E 1 -18.00 -7.35 22.84
C GLY E 1 -17.14 -6.13 23.09
N ALA E 2 -17.71 -5.12 23.74
CA ALA E 2 -17.02 -3.83 23.87
C ALA E 2 -15.89 -3.90 24.89
N ASP E 3 -14.99 -2.92 24.78
CA ASP E 3 -13.98 -2.71 25.81
C ASP E 3 -14.64 -2.17 27.07
N GLY E 4 -14.01 -2.43 28.22
CA GLY E 4 -14.40 -1.77 29.46
C GLY E 4 -14.04 -0.28 29.45
N VAL E 5 -14.18 0.35 30.61
CA VAL E 5 -14.00 1.79 30.73
C VAL E 5 -12.68 2.08 31.41
N GLY E 6 -11.86 2.93 30.78
CA GLY E 6 -10.54 3.28 31.26
C GLY E 6 -10.48 4.69 31.81
N LYS E 7 -9.28 5.25 31.81
CA LYS E 7 -9.06 6.54 32.47
C LYS E 7 -9.68 7.69 31.69
N SER E 8 -10.26 8.65 32.41
CA SER E 8 -10.79 9.85 31.78
C SER E 8 -9.68 10.64 31.11
N LEU E 9 -10.03 11.44 30.09
CA LEU E 9 -9.01 12.23 29.32
C LEU E 9 -8.39 13.34 30.19
MG MG F . 35.82 -16.60 -11.33
C1 GOL G . 6.18 4.34 17.27
O1 GOL G . 6.25 3.64 16.09
C2 GOL G . 6.76 3.37 18.26
O2 GOL G . 7.59 4.01 19.15
C3 GOL G . 5.50 2.70 18.86
O3 GOL G . 4.89 1.92 17.84
S SO4 H . 37.24 -6.54 -4.34
O1 SO4 H . 38.50 -5.90 -3.97
O2 SO4 H . 37.51 -7.70 -5.18
O3 SO4 H . 36.40 -5.61 -5.06
O4 SO4 H . 36.56 -6.97 -3.11
S SO4 I . 3.74 20.05 2.72
O1 SO4 I . 4.83 19.18 2.31
O2 SO4 I . 3.52 19.93 4.17
O3 SO4 I . 4.06 21.44 2.39
O4 SO4 I . 2.51 19.66 2.03
MG MG J . -0.20 0.52 9.90
C1 GOL K . -12.53 5.15 28.64
O1 GOL K . -11.19 4.83 28.27
C2 GOL K . -12.88 6.55 28.01
O2 GOL K . -12.16 7.61 28.60
C3 GOL K . -12.57 6.38 26.50
O3 GOL K . -13.81 6.19 25.82
#